data_3WAW
#
_entry.id   3WAW
#
_cell.length_a   61.648
_cell.length_b   94.264
_cell.length_c   75.358
_cell.angle_alpha   90.00
_cell.angle_beta   94.73
_cell.angle_gamma   90.00
#
_symmetry.space_group_name_H-M   'P 1 21 1'
#
loop_
_entity.id
_entity.type
_entity.pdbx_description
1 polymer 'Ectonucleotide pyrophosphatase/phosphodiesterase family member 2'
2 branched 2-acetamido-2-deoxy-beta-D-glucopyranose-(1-4)-2-acetamido-2-deoxy-beta-D-glucopyranose
3 branched alpha-D-mannopyranose-(1-2)-alpha-D-mannopyranose-(1-3)-alpha-D-mannopyranose-(1-6)-[alpha-D-mannopyranose-(1-3)]beta-D-mannopyranose-(1-4)-2-acetamido-2-deoxy-beta-D-glucopyranose-(1-4)-2-acetamido-2-deoxy-beta-D-glucopyranose
4 non-polymer 'ZINC ION'
5 non-polymer 'CALCIUM ION'
6 non-polymer 'SODIUM ION'
7 non-polymer 'POTASSIUM ION'
8 non-polymer 'SULFATE ION'
9 non-polymer 'THIOCYANATE ION'
10 non-polymer 1,2-ETHANEDIOL
11 non-polymer '[2-({4-[(5Z)-5-(3,4-dichlorobenzylidene)-4-oxo-4,5-dihydro-1,3-thiazol-2-yl]piperazin-1-yl}methyl)phenyl]boronic acid'
12 water water
#
_entity_poly.entity_id   1
_entity_poly.type   'polypeptide(L)'
_entity_poly.pdbx_seq_one_letter_code
;AEWDEGPPTVLSDSPWTNTSGSCKGRCFELQEVGPPDCRCDNLCKSYSSCCHDFDELCLKTARGWECTKDRCGEVRNEEN
ACHCSEDCLSRGDCCTNYQVVCKGESHWVDDDCEEIRVPECPAGFVRPPLIIFSVDGFRASYMKKGSKVMPNIEKLRSCG
THAPYMRPVYPTKTFPNLYTLATGLYPESHGIVGNSMYDPVFDATFHLRGREKFNHRWWGGQPLWITATKQGVRAGTFFW
SVSIPHERRILTILQWLSLPDNERPSVYAFYSEQPDFSGHKYGPFGPEMTNPLREIDKTVGQLMDGLKQLKLHRCVNVIF
VGDHGMEDVTCDRTEFLSNYLTNVDDITLVPGTLGRIRPKIPNNLKYDPKAIIANLTCKKPDQHFKPYMKQHLPKRLHYA
NNRRIEDLHLLVERRWHVARKPLDVYKKPSGKCFFQGDHGFDNKVNSMQTVFVGYGPTFKYRTKVPPFENIELYNVMCDL
LGLKPAPNNGTHGSLNHLLRTNTFRPTLPEEVSRPNYPGIMYLQSDFDLGCTCDDKNKLEELNKRLHTKGSTEERHLLYG
RPAVLYRTSYDILYHTDFESGYSEIFLMPLWTSYTISKQAEVSSIPEHLTNCVRPDVRVSPGFSQNCLAYKNDKQMSYGF
LFPPYLSSSPEAKYDAFLVTNMVPMYPAFKRVWTYFQRVLVKKYASERNGVNVISGPIFDYNYNGLRDIEDEIKQYVEGS
SIPVPTHYYSIITSCLDFTQPADKCDGPLSVSSFILPHRPDNDESCNSSEDESKWVEELMKMHTARVRDIEHLTGLDFYR
KTSRSYSEILTLKTYLHTYESEISRENLYFQ
;
_entity_poly.pdbx_strand_id   A
#
loop_
_chem_comp.id
_chem_comp.type
_chem_comp.name
_chem_comp.formula
BMA D-saccharide, beta linking beta-D-mannopyranose 'C6 H12 O6'
CA non-polymer 'CALCIUM ION' 'Ca 2'
DWW non-polymer '[2-({4-[(5Z)-5-(3,4-dichlorobenzylidene)-4-oxo-4,5-dihydro-1,3-thiazol-2-yl]piperazin-1-yl}methyl)phenyl]boronic acid' 'C21 H20 B Cl2 N3 O3 S'
EDO non-polymer 1,2-ETHANEDIOL 'C2 H6 O2'
K non-polymer 'POTASSIUM ION' 'K 1'
MAN D-saccharide, alpha linking alpha-D-mannopyranose 'C6 H12 O6'
NA non-polymer 'SODIUM ION' 'Na 1'
NAG D-saccharide, beta linking 2-acetamido-2-deoxy-beta-D-glucopyranose 'C8 H15 N O6'
SCN non-polymer 'THIOCYANATE ION' 'C N S -1'
SO4 non-polymer 'SULFATE ION' 'O4 S -2'
ZN non-polymer 'ZINC ION' 'Zn 2'
#
# COMPACT_ATOMS: atom_id res chain seq x y z
N TRP A 16 26.27 31.18 -0.42
CA TRP A 16 25.77 32.34 -1.17
C TRP A 16 25.67 32.04 -2.66
N THR A 17 24.69 32.65 -3.33
CA THR A 17 24.50 32.48 -4.76
C THR A 17 24.75 33.79 -5.52
N ASN A 18 25.70 33.75 -6.45
CA ASN A 18 25.99 34.90 -7.30
C ASN A 18 24.90 35.06 -8.37
N THR A 19 23.81 35.70 -7.99
CA THR A 19 22.64 35.88 -8.86
C THR A 19 22.96 36.62 -10.16
N SER A 20 24.02 37.42 -10.15
CA SER A 20 24.37 38.23 -11.31
C SER A 20 24.79 37.42 -12.54
N GLY A 21 24.97 36.12 -12.37
CA GLY A 21 25.25 35.24 -13.50
C GLY A 21 24.08 35.17 -14.47
N SER A 22 24.27 34.51 -15.60
CA SER A 22 23.24 34.49 -16.64
C SER A 22 22.75 33.10 -17.02
N CYS A 23 21.50 33.03 -17.49
CA CYS A 23 20.88 31.78 -17.91
C CYS A 23 20.79 31.63 -19.43
N LYS A 24 21.65 32.34 -20.17
CA LYS A 24 21.66 32.19 -21.61
C LYS A 24 22.26 30.83 -21.98
N GLY A 25 21.55 30.08 -22.82
CA GLY A 25 21.99 28.75 -23.20
C GLY A 25 21.97 27.74 -22.06
N ARG A 26 21.26 28.08 -20.99
CA ARG A 26 21.28 27.27 -19.77
C ARG A 26 19.87 26.95 -19.23
N CYS A 27 18.83 27.43 -19.91
CA CYS A 27 17.47 27.26 -19.40
C CYS A 27 17.12 25.79 -19.15
N PHE A 28 16.66 25.50 -17.94
CA PHE A 28 16.27 24.15 -17.54
C PHE A 28 17.38 23.14 -17.84
N GLU A 29 18.62 23.51 -17.56
CA GLU A 29 19.73 22.60 -17.79
C GLU A 29 19.71 21.50 -16.74
N LEU A 30 20.29 20.36 -17.09
CA LEU A 30 20.18 19.17 -16.26
C LEU A 30 21.43 18.94 -15.40
N GLN A 31 22.49 19.68 -15.68
CA GLN A 31 23.76 19.47 -14.97
C GLN A 31 23.71 20.01 -13.55
N GLU A 32 24.44 19.35 -12.66
CA GLU A 32 24.55 19.78 -11.27
C GLU A 32 25.24 21.13 -11.20
N VAL A 33 24.56 22.10 -10.58
CA VAL A 33 25.10 23.43 -10.37
C VAL A 33 24.75 23.88 -8.96
N GLY A 34 25.77 24.23 -8.18
CA GLY A 34 25.56 24.63 -6.81
C GLY A 34 26.43 25.81 -6.42
N PRO A 35 26.04 26.52 -5.33
CA PRO A 35 26.76 27.67 -4.78
C PRO A 35 28.28 27.51 -4.82
N PRO A 36 29.00 28.60 -5.16
CA PRO A 36 28.47 29.95 -5.34
C PRO A 36 27.74 30.21 -6.66
N ASP A 37 27.78 29.25 -7.57
CA ASP A 37 27.19 29.41 -8.90
C ASP A 37 25.67 29.54 -8.87
N CYS A 38 25.12 30.32 -9.79
CA CYS A 38 23.68 30.53 -9.86
C CYS A 38 23.01 29.57 -10.85
N ARG A 39 21.74 29.26 -10.61
CA ARG A 39 21.10 28.13 -11.26
C ARG A 39 20.00 28.48 -12.25
N CYS A 40 19.63 27.50 -13.07
CA CYS A 40 18.65 27.69 -14.13
C CYS A 40 17.75 26.47 -14.29
N ASP A 41 17.72 25.63 -13.25
CA ASP A 41 16.96 24.38 -13.26
C ASP A 41 15.52 24.60 -12.78
N ASN A 42 14.68 23.58 -12.93
CA ASN A 42 13.28 23.74 -12.53
C ASN A 42 13.05 23.93 -11.03
N LEU A 43 14.11 23.78 -10.24
CA LEU A 43 14.00 23.98 -8.80
C LEU A 43 14.65 25.26 -8.26
N CYS A 44 15.23 26.07 -9.14
CA CYS A 44 16.01 27.21 -8.64
C CYS A 44 15.16 28.21 -7.84
N LYS A 45 13.95 28.49 -8.31
CA LYS A 45 13.05 29.41 -7.60
C LYS A 45 12.85 28.97 -6.16
N SER A 46 12.66 27.66 -5.97
CA SER A 46 12.45 27.07 -4.65
C SER A 46 13.63 27.27 -3.71
N TYR A 47 14.81 27.52 -4.27
CA TYR A 47 15.99 27.80 -3.46
C TYR A 47 16.36 29.28 -3.56
N SER A 48 15.52 30.04 -4.27
CA SER A 48 15.75 31.46 -4.51
C SER A 48 17.12 31.74 -5.14
N SER A 49 17.64 30.73 -5.83
CA SER A 49 19.02 30.78 -6.32
C SER A 49 19.12 30.89 -7.83
N CYS A 50 18.08 31.43 -8.46
CA CYS A 50 18.07 31.58 -9.91
C CYS A 50 18.94 32.75 -10.35
N CYS A 51 19.44 32.68 -11.57
CA CYS A 51 20.14 33.81 -12.16
C CYS A 51 19.14 34.96 -12.34
N HIS A 52 19.65 36.19 -12.37
CA HIS A 52 18.79 37.36 -12.43
C HIS A 52 17.89 37.34 -13.67
N ASP A 53 18.34 36.66 -14.71
CA ASP A 53 17.61 36.62 -15.97
C ASP A 53 16.90 35.29 -16.24
N PHE A 54 16.73 34.47 -15.21
CA PHE A 54 16.00 33.21 -15.33
C PHE A 54 14.57 33.43 -15.84
N ASP A 55 13.83 34.30 -15.16
CA ASP A 55 12.44 34.58 -15.53
C ASP A 55 12.28 35.07 -16.97
N GLU A 56 13.05 36.08 -17.35
CA GLU A 56 12.89 36.65 -18.68
C GLU A 56 13.36 35.71 -19.78
N LEU A 57 14.37 34.90 -19.49
CA LEU A 57 14.96 34.02 -20.51
C LEU A 57 14.39 32.60 -20.55
N CYS A 58 13.84 32.14 -19.43
CA CYS A 58 13.41 30.75 -19.34
C CYS A 58 11.89 30.60 -19.17
N LEU A 59 11.24 31.61 -18.61
CA LEU A 59 9.80 31.54 -18.41
C LEU A 59 9.04 32.43 -19.40
N LYS A 60 9.45 32.36 -20.67
CA LYS A 60 8.79 33.12 -21.72
C LYS A 60 7.30 32.78 -21.76
N THR A 61 6.50 33.81 -21.95
CA THR A 61 5.05 33.68 -21.89
C THR A 61 4.39 34.30 -23.11
N ALA A 62 5.16 35.11 -23.84
CA ALA A 62 4.65 35.91 -24.97
C ALA A 62 3.90 35.10 -26.03
N ARG A 63 2.65 35.52 -26.28
CA ARG A 63 1.79 34.97 -27.33
C ARG A 63 1.15 33.60 -27.02
N GLY A 64 1.22 33.20 -25.75
CA GLY A 64 0.52 32.01 -25.31
C GLY A 64 1.21 30.70 -25.67
N TRP A 65 0.45 29.62 -25.69
CA TRP A 65 1.00 28.27 -25.78
C TRP A 65 0.60 27.53 -27.04
N GLU A 66 -0.14 28.20 -27.93
CA GLU A 66 -0.69 27.54 -29.11
C GLU A 66 -0.35 28.29 -30.39
N CYS A 67 -0.05 27.54 -31.44
CA CYS A 67 0.11 28.15 -32.75
C CYS A 67 -1.26 28.60 -33.26
N THR A 68 -1.26 29.65 -34.08
CA THR A 68 -2.43 30.04 -34.86
C THR A 68 -2.02 30.10 -36.34
N LYS A 69 -3.00 30.10 -37.22
CA LYS A 69 -2.73 30.12 -38.66
C LYS A 69 -1.95 31.37 -39.06
N ASP A 70 -2.13 32.45 -38.30
CA ASP A 70 -1.43 33.70 -38.59
C ASP A 70 -0.02 33.71 -38.04
N ARG A 71 0.47 32.55 -37.61
CA ARG A 71 1.81 32.45 -37.07
C ARG A 71 2.63 31.43 -37.83
N CYS A 72 1.96 30.63 -38.65
CA CYS A 72 2.62 29.57 -39.38
C CYS A 72 3.70 30.14 -40.31
N GLY A 73 4.88 29.53 -40.26
CA GLY A 73 5.99 29.98 -41.09
C GLY A 73 6.46 31.38 -40.78
N GLU A 74 6.32 31.78 -39.51
CA GLU A 74 6.80 33.08 -39.07
C GLU A 74 8.32 33.09 -39.04
N VAL A 75 8.91 34.26 -38.87
CA VAL A 75 10.34 34.35 -38.61
C VAL A 75 10.54 34.09 -37.13
N ARG A 76 11.49 33.22 -36.81
CA ARG A 76 11.76 32.83 -35.43
C ARG A 76 12.07 34.01 -34.51
N ASN A 77 11.12 34.33 -33.62
CA ASN A 77 11.34 35.33 -32.58
C ASN A 77 11.52 34.68 -31.21
N GLU A 78 12.66 34.96 -30.59
CA GLU A 78 13.03 34.31 -29.34
C GLU A 78 12.25 34.80 -28.12
N GLU A 79 11.39 35.79 -28.32
CA GLU A 79 10.63 36.36 -27.23
C GLU A 79 9.40 35.49 -26.92
N ASN A 80 9.03 34.65 -27.88
CA ASN A 80 7.80 33.86 -27.79
C ASN A 80 7.94 32.62 -26.90
N ALA A 81 6.84 32.29 -26.22
CA ALA A 81 6.82 31.13 -25.32
C ALA A 81 7.12 29.84 -26.06
N CYS A 82 6.48 29.67 -27.20
CA CYS A 82 6.76 28.53 -28.08
C CYS A 82 6.66 29.03 -29.53
N HIS A 83 7.13 28.23 -30.49
CA HIS A 83 7.31 28.75 -31.84
C HIS A 83 6.47 28.05 -32.89
N CYS A 84 6.33 28.69 -34.05
CA CYS A 84 5.53 28.17 -35.15
C CYS A 84 6.31 28.33 -36.46
N SER A 85 7.60 28.62 -36.33
CA SER A 85 8.48 28.82 -37.46
C SER A 85 8.79 27.50 -38.15
N GLU A 86 9.48 27.58 -39.29
CA GLU A 86 9.80 26.41 -40.08
C GLU A 86 10.81 25.49 -39.40
N ASP A 87 11.71 26.09 -38.63
CA ASP A 87 12.82 25.35 -38.02
C ASP A 87 12.50 24.77 -36.65
N CYS A 88 11.34 25.14 -36.10
CA CYS A 88 11.00 24.82 -34.72
C CYS A 88 11.04 23.32 -34.45
N LEU A 89 10.65 22.55 -35.45
CA LEU A 89 10.55 21.09 -35.33
C LEU A 89 11.86 20.41 -34.96
N SER A 90 12.91 20.69 -35.73
CA SER A 90 14.22 20.12 -35.47
C SER A 90 14.80 20.68 -34.18
N ARG A 91 14.48 21.94 -33.90
CA ARG A 91 14.98 22.61 -32.69
C ARG A 91 14.19 22.24 -31.44
N GLY A 92 13.11 21.47 -31.64
CA GLY A 92 12.33 20.90 -30.54
C GLY A 92 11.57 21.87 -29.65
N ASP A 93 11.14 23.00 -30.20
CA ASP A 93 10.38 23.98 -29.41
C ASP A 93 9.18 24.59 -30.14
N CYS A 94 8.52 23.80 -30.97
CA CYS A 94 7.23 24.20 -31.51
C CYS A 94 6.21 24.15 -30.38
N CYS A 95 5.19 24.99 -30.48
CA CYS A 95 3.99 24.80 -29.67
C CYS A 95 3.48 23.43 -30.05
N THR A 96 2.85 22.72 -29.11
CA THR A 96 2.49 21.32 -29.29
C THR A 96 1.47 21.08 -30.38
N ASN A 97 0.75 22.14 -30.77
CA ASN A 97 -0.27 22.04 -31.81
C ASN A 97 0.21 22.56 -33.17
N TYR A 98 1.51 22.82 -33.28
CA TYR A 98 2.10 23.35 -34.51
C TYR A 98 1.68 22.63 -35.79
N GLN A 99 1.88 21.32 -35.86
CA GLN A 99 1.61 20.55 -37.07
C GLN A 99 0.13 20.41 -37.40
N VAL A 100 -0.72 20.60 -36.39
CA VAL A 100 -2.15 20.56 -36.62
C VAL A 100 -2.56 21.84 -37.31
N VAL A 101 -2.14 22.97 -36.75
CA VAL A 101 -2.52 24.28 -37.26
C VAL A 101 -1.83 24.61 -38.59
N CYS A 102 -0.58 24.19 -38.74
CA CYS A 102 0.25 24.64 -39.85
C CYS A 102 0.52 23.60 -40.93
N LYS A 103 0.40 22.32 -40.59
CA LYS A 103 0.78 21.25 -41.52
C LYS A 103 -0.35 20.25 -41.77
N GLY A 104 -1.56 20.60 -41.35
CA GLY A 104 -2.73 19.79 -41.61
C GLY A 104 -2.82 18.45 -40.88
N GLU A 105 -2.02 18.24 -39.85
CA GLU A 105 -2.08 16.98 -39.10
C GLU A 105 -3.27 16.91 -38.13
N SER A 106 -3.57 15.70 -37.68
CA SER A 106 -4.63 15.50 -36.70
C SER A 106 -4.06 15.50 -35.28
N HIS A 107 -4.84 15.99 -34.32
CA HIS A 107 -4.54 15.79 -32.90
C HIS A 107 -4.41 14.29 -32.62
N TRP A 108 -3.51 13.93 -31.72
CA TRP A 108 -3.32 12.54 -31.32
C TRP A 108 -4.64 11.89 -30.86
N VAL A 109 -5.48 12.66 -30.20
CA VAL A 109 -6.70 12.11 -29.63
C VAL A 109 -7.73 11.76 -30.70
N ASP A 110 -7.61 12.36 -31.87
CA ASP A 110 -8.54 12.10 -32.97
C ASP A 110 -8.11 10.91 -33.80
N ASP A 111 -6.91 10.39 -33.53
CA ASP A 111 -6.42 9.19 -34.20
C ASP A 111 -6.91 7.94 -33.51
N ASP A 112 -7.27 6.95 -34.32
CA ASP A 112 -7.73 5.69 -33.76
C ASP A 112 -6.57 4.94 -33.14
N CYS A 113 -6.86 4.18 -32.10
CA CYS A 113 -5.84 3.41 -31.39
C CYS A 113 -5.30 2.32 -32.28
N GLU A 114 -4.00 2.05 -32.14
CA GLU A 114 -3.39 0.93 -32.80
C GLU A 114 -2.42 0.29 -31.81
N GLU A 115 -2.47 -1.02 -31.69
CA GLU A 115 -1.56 -1.72 -30.81
C GLU A 115 -0.10 -1.40 -31.14
N ILE A 116 0.66 -0.98 -30.12
CA ILE A 116 2.08 -0.77 -30.28
C ILE A 116 2.78 -2.06 -29.86
N ARG A 117 3.03 -2.94 -30.81
CA ARG A 117 3.62 -4.25 -30.51
C ARG A 117 5.11 -4.17 -30.17
N VAL A 118 5.79 -3.15 -30.68
CA VAL A 118 7.20 -2.93 -30.37
C VAL A 118 7.47 -1.45 -30.40
N PRO A 119 8.49 -0.99 -29.66
CA PRO A 119 8.80 0.43 -29.69
C PRO A 119 9.12 0.91 -31.11
N GLU A 120 8.51 2.01 -31.50
CA GLU A 120 8.80 2.65 -32.75
C GLU A 120 9.50 3.98 -32.44
N CYS A 121 10.80 3.88 -32.16
CA CYS A 121 11.60 5.02 -31.73
C CYS A 121 12.58 5.42 -32.82
N PRO A 122 12.89 6.73 -32.91
CA PRO A 122 13.86 7.21 -33.89
C PRO A 122 15.23 6.62 -33.57
N ALA A 123 16.11 6.52 -34.56
CA ALA A 123 17.47 6.05 -34.31
C ALA A 123 18.13 6.94 -33.26
N GLY A 124 18.93 6.32 -32.40
CA GLY A 124 19.52 7.03 -31.29
C GLY A 124 18.86 6.61 -29.99
N PHE A 125 17.60 6.19 -30.08
CA PHE A 125 16.86 5.74 -28.90
C PHE A 125 17.10 4.26 -28.65
N VAL A 126 17.79 3.97 -27.54
CA VAL A 126 18.16 2.61 -27.19
C VAL A 126 17.03 1.93 -26.46
N ARG A 127 16.35 2.67 -25.59
CA ARG A 127 15.24 2.16 -24.83
C ARG A 127 14.08 3.13 -25.00
N PRO A 128 12.86 2.64 -24.83
CA PRO A 128 11.72 3.56 -24.80
C PRO A 128 11.81 4.41 -23.54
N PRO A 129 11.68 5.73 -23.68
CA PRO A 129 11.72 6.58 -22.49
C PRO A 129 10.48 6.33 -21.63
N LEU A 130 10.57 6.66 -20.35
CA LEU A 130 9.41 6.57 -19.46
C LEU A 130 9.00 7.96 -18.96
N ILE A 131 7.74 8.33 -19.16
CA ILE A 131 7.21 9.57 -18.63
C ILE A 131 6.14 9.29 -17.59
N ILE A 132 6.35 9.78 -16.36
CA ILE A 132 5.37 9.63 -15.29
C ILE A 132 4.56 10.90 -15.22
N PHE A 133 3.25 10.78 -15.41
CA PHE A 133 2.37 11.94 -15.41
C PHE A 133 1.54 11.81 -14.16
N SER A 134 1.93 12.52 -13.10
CA SER A 134 1.20 12.40 -11.84
C SER A 134 0.23 13.55 -11.61
N VAL A 135 -0.97 13.21 -11.15
CA VAL A 135 -2.01 14.16 -10.87
C VAL A 135 -2.42 14.05 -9.41
N ASP A 136 -2.46 15.18 -8.74
CA ASP A 136 -2.74 15.21 -7.32
C ASP A 136 -4.24 15.10 -7.05
N GLY A 137 -4.63 14.16 -6.20
CA GLY A 137 -6.01 14.11 -5.73
C GLY A 137 -7.02 13.63 -6.76
N PHE A 138 -6.54 12.89 -7.74
CA PHE A 138 -7.38 12.33 -8.80
C PHE A 138 -8.07 11.06 -8.29
N ARG A 139 -9.31 11.23 -7.85
CA ARG A 139 -10.13 10.12 -7.39
C ARG A 139 -10.36 9.13 -8.51
N ALA A 140 -10.26 7.84 -8.19
CA ALA A 140 -10.40 6.80 -9.21
C ALA A 140 -11.72 6.91 -9.97
N SER A 141 -12.79 7.23 -9.25
CA SER A 141 -14.11 7.32 -9.85
C SER A 141 -14.28 8.52 -10.83
N TYR A 142 -13.37 9.49 -10.79
CA TYR A 142 -13.39 10.58 -11.78
C TYR A 142 -13.28 10.05 -13.22
N MET A 143 -12.67 8.89 -13.39
CA MET A 143 -12.50 8.30 -14.70
C MET A 143 -13.82 7.96 -15.36
N LYS A 144 -14.86 7.74 -14.55
CA LYS A 144 -16.19 7.48 -15.08
C LYS A 144 -16.72 8.61 -15.96
N LYS A 145 -16.17 9.80 -15.80
CA LYS A 145 -16.59 10.97 -16.58
C LYS A 145 -16.14 10.88 -18.05
N GLY A 146 -15.39 9.83 -18.38
CA GLY A 146 -15.15 9.45 -19.76
C GLY A 146 -14.61 10.50 -20.72
N SER A 147 -14.78 10.23 -22.02
CA SER A 147 -14.23 11.09 -23.06
C SER A 147 -15.04 12.36 -23.24
N LYS A 148 -16.23 12.40 -22.66
CA LYS A 148 -17.03 13.62 -22.66
C LYS A 148 -16.24 14.74 -21.98
N VAL A 149 -15.51 14.38 -20.95
CA VAL A 149 -14.79 15.37 -20.15
C VAL A 149 -13.29 15.31 -20.41
N MET A 150 -12.77 14.09 -20.54
CA MET A 150 -11.34 13.89 -20.65
C MET A 150 -10.98 12.98 -21.81
N PRO A 151 -11.19 13.47 -23.04
CA PRO A 151 -11.00 12.59 -24.21
C PRO A 151 -9.58 12.02 -24.32
N ASN A 152 -8.56 12.84 -24.06
CA ASN A 152 -7.19 12.33 -24.15
C ASN A 152 -6.94 11.27 -23.11
N ILE A 153 -7.36 11.53 -21.88
CA ILE A 153 -7.10 10.56 -20.81
C ILE A 153 -7.89 9.28 -21.08
N GLU A 154 -9.09 9.43 -21.62
CA GLU A 154 -9.91 8.26 -21.93
C GLU A 154 -9.23 7.39 -22.97
N LYS A 155 -8.54 8.01 -23.93
CA LYS A 155 -7.86 7.23 -24.96
C LYS A 155 -6.71 6.44 -24.36
N LEU A 156 -5.91 7.10 -23.52
CA LEU A 156 -4.87 6.42 -22.78
C LEU A 156 -5.44 5.23 -22.01
N ARG A 157 -6.57 5.44 -21.35
CA ARG A 157 -7.14 4.41 -20.49
C ARG A 157 -7.71 3.24 -21.29
N SER A 158 -8.48 3.53 -22.32
CA SER A 158 -9.10 2.46 -23.10
C SER A 158 -8.11 1.70 -23.98
N CYS A 159 -7.12 2.40 -24.54
CA CYS A 159 -6.17 1.77 -25.46
C CYS A 159 -5.01 1.08 -24.78
N GLY A 160 -4.67 1.55 -23.57
CA GLY A 160 -3.55 1.00 -22.86
C GLY A 160 -3.93 -0.02 -21.82
N THR A 161 -3.21 0.01 -20.71
CA THR A 161 -3.48 -0.88 -19.60
C THR A 161 -3.98 -0.04 -18.46
N HIS A 162 -5.10 -0.41 -17.87
CA HIS A 162 -5.63 0.34 -16.74
C HIS A 162 -6.12 -0.55 -15.62
N ALA A 163 -6.09 -0.03 -14.39
CA ALA A 163 -6.71 -0.67 -13.24
C ALA A 163 -7.97 0.12 -12.92
N PRO A 164 -8.99 -0.53 -12.34
CA PRO A 164 -10.19 0.24 -11.99
C PRO A 164 -9.84 1.28 -10.91
N TYR A 165 -8.82 0.98 -10.12
CA TYR A 165 -8.29 1.94 -9.15
C TYR A 165 -6.93 1.48 -8.63
N MET A 166 -6.21 2.40 -7.97
CA MET A 166 -4.96 2.08 -7.32
C MET A 166 -5.03 2.52 -5.85
N ARG A 167 -4.59 1.64 -4.96
CA ARG A 167 -4.63 1.90 -3.52
C ARG A 167 -3.42 2.70 -3.05
N PRO A 168 -3.66 3.88 -2.49
CA PRO A 168 -2.55 4.68 -1.94
C PRO A 168 -2.09 4.09 -0.59
N VAL A 169 -1.07 4.68 0.02
CA VAL A 169 -0.68 4.30 1.37
C VAL A 169 -1.32 5.26 2.36
N TYR A 170 -1.46 4.79 3.58
CA TYR A 170 -1.94 5.62 4.69
C TYR A 170 -0.74 6.33 5.31
N PRO A 171 -0.89 7.63 5.66
CA PRO A 171 -2.10 8.45 5.46
C PRO A 171 -2.28 8.83 4.00
N THR A 172 -3.52 8.90 3.55
CA THR A 172 -3.79 9.15 2.14
C THR A 172 -3.66 10.65 1.83
N LYS A 173 -2.46 11.17 2.07
CA LYS A 173 -2.09 12.55 1.80
C LYS A 173 -0.95 12.59 0.77
N THR A 174 -0.60 13.78 0.33
CA THR A 174 0.29 13.95 -0.82
C THR A 174 1.74 13.52 -0.64
N PHE A 175 2.47 14.14 0.29
CA PHE A 175 3.88 13.79 0.50
C PHE A 175 4.14 12.29 0.79
N PRO A 176 3.39 11.70 1.72
CA PRO A 176 3.61 10.27 1.94
C PRO A 176 3.37 9.44 0.67
N ASN A 177 2.38 9.82 -0.12
CA ASN A 177 2.12 9.04 -1.31
C ASN A 177 3.07 9.25 -2.47
N LEU A 178 3.47 10.49 -2.72
CA LEU A 178 4.43 10.74 -3.80
C LEU A 178 5.77 10.07 -3.49
N TYR A 179 6.20 10.12 -2.24
CA TYR A 179 7.48 9.50 -1.91
C TYR A 179 7.40 7.97 -1.91
N THR A 180 6.24 7.43 -1.55
CA THR A 180 6.00 5.99 -1.65
C THR A 180 6.10 5.57 -3.12
N LEU A 181 5.45 6.32 -4.00
CA LEU A 181 5.52 6.05 -5.45
C LEU A 181 6.97 6.02 -5.92
N ALA A 182 7.75 6.99 -5.45
CA ALA A 182 9.14 7.10 -5.87
C ALA A 182 10.04 6.00 -5.32
N THR A 183 9.64 5.33 -4.23
CA THR A 183 10.59 4.46 -3.53
C THR A 183 10.17 3.00 -3.38
N GLY A 184 8.88 2.72 -3.53
CA GLY A 184 8.34 1.40 -3.24
C GLY A 184 8.23 1.10 -1.75
N LEU A 185 8.40 2.12 -0.91
CA LEU A 185 8.40 1.90 0.52
C LEU A 185 7.15 2.42 1.25
N TYR A 186 6.78 1.74 2.34
CA TYR A 186 5.85 2.33 3.28
C TYR A 186 6.44 3.59 3.89
N PRO A 187 5.58 4.57 4.15
CA PRO A 187 5.97 5.78 4.86
C PRO A 187 6.81 5.50 6.11
N GLU A 188 6.47 4.46 6.87
CA GLU A 188 7.18 4.19 8.12
C GLU A 188 8.63 3.84 7.81
N SER A 189 8.87 3.36 6.60
CA SER A 189 10.22 3.03 6.15
C SER A 189 10.91 4.21 5.48
N HIS A 190 10.25 4.90 4.55
CA HIS A 190 10.92 6.04 3.91
C HIS A 190 11.01 7.31 4.74
N GLY A 191 10.19 7.41 5.79
CA GLY A 191 10.28 8.53 6.71
C GLY A 191 9.29 9.66 6.54
N ILE A 192 8.66 9.76 5.37
CA ILE A 192 7.69 10.83 5.18
C ILE A 192 6.33 10.31 5.62
N VAL A 193 6.09 10.34 6.94
CA VAL A 193 4.89 9.70 7.50
C VAL A 193 3.69 10.64 7.53
N GLY A 194 3.89 11.87 7.10
CA GLY A 194 2.81 12.84 6.99
C GLY A 194 3.26 14.04 6.17
N ASN A 195 2.32 14.86 5.70
CA ASN A 195 2.67 16.16 5.12
C ASN A 195 3.30 17.07 6.18
N SER A 196 2.91 16.87 7.43
CA SER A 196 3.56 17.51 8.55
C SER A 196 4.01 16.44 9.54
N MET A 197 5.17 16.65 10.16
CA MET A 197 5.61 15.72 11.20
C MET A 197 6.65 16.32 12.14
N TYR A 198 6.71 15.77 13.35
CA TYR A 198 7.71 16.21 14.31
C TYR A 198 8.69 15.07 14.53
N ASP A 199 9.98 15.34 14.39
CA ASP A 199 10.99 14.31 14.70
C ASP A 199 11.60 14.65 16.05
N PRO A 200 11.37 13.79 17.05
CA PRO A 200 11.79 14.05 18.43
C PRO A 200 13.31 13.99 18.61
N VAL A 201 14.00 13.29 17.72
CA VAL A 201 15.46 13.28 17.70
C VAL A 201 16.06 14.55 17.06
N PHE A 202 15.49 15.01 15.95
CA PHE A 202 15.92 16.29 15.37
C PHE A 202 15.42 17.39 16.30
N ASP A 203 14.35 17.11 17.03
CA ASP A 203 13.54 18.12 17.68
C ASP A 203 13.29 19.22 16.65
N ALA A 204 12.67 18.82 15.55
CA ALA A 204 12.40 19.74 14.45
C ALA A 204 11.12 19.32 13.77
N THR A 205 10.49 20.27 13.12
CA THR A 205 9.19 20.06 12.50
C THR A 205 9.24 20.26 10.99
N PHE A 206 8.66 19.29 10.28
CA PHE A 206 8.58 19.26 8.84
C PHE A 206 7.18 19.75 8.46
N HIS A 207 7.09 20.68 7.52
CA HIS A 207 5.80 21.16 7.03
C HIS A 207 5.73 21.15 5.51
N LEU A 208 4.52 20.94 4.98
CA LEU A 208 4.21 21.13 3.57
C LEU A 208 4.93 22.36 3.02
N ARG A 209 4.61 23.50 3.61
CA ARG A 209 5.20 24.78 3.22
C ARG A 209 6.37 25.08 4.17
N GLY A 210 7.41 25.72 3.65
CA GLY A 210 8.56 26.02 4.47
C GLY A 210 9.82 25.27 4.04
N ARG A 211 10.93 25.55 4.72
CA ARG A 211 12.24 25.13 4.23
C ARG A 211 12.81 23.89 4.88
N GLU A 212 12.25 23.49 6.02
CA GLU A 212 12.75 22.31 6.74
C GLU A 212 12.74 21.06 5.86
N LYS A 213 11.70 20.93 5.04
CA LYS A 213 11.54 19.79 4.15
C LYS A 213 12.70 19.61 3.15
N PHE A 214 13.40 20.70 2.85
CA PHE A 214 14.53 20.66 1.90
C PHE A 214 15.76 19.99 2.49
N ASN A 215 15.80 19.85 3.81
CA ASN A 215 16.90 19.14 4.45
C ASN A 215 16.82 17.64 4.13
N HIS A 216 17.88 17.08 3.58
CA HIS A 216 17.84 15.70 3.12
C HIS A 216 17.65 14.67 4.24
N ARG A 217 17.86 15.11 5.49
CA ARG A 217 17.80 14.21 6.63
C ARG A 217 16.41 13.59 6.85
N TRP A 218 15.39 14.17 6.22
CA TRP A 218 14.02 13.63 6.38
C TRP A 218 13.75 12.44 5.46
N TRP A 219 14.43 12.42 4.32
CA TRP A 219 14.07 11.56 3.21
C TRP A 219 14.89 10.27 3.16
N GLY A 220 14.26 9.13 3.45
CA GLY A 220 14.95 7.85 3.41
C GLY A 220 14.72 7.02 2.16
N GLY A 221 15.19 5.78 2.18
CA GLY A 221 15.10 4.90 1.03
C GLY A 221 15.88 5.42 -0.17
N GLN A 222 15.49 5.00 -1.36
CA GLN A 222 16.19 5.42 -2.57
C GLN A 222 15.19 5.66 -3.71
N PRO A 223 14.86 6.93 -3.98
CA PRO A 223 13.83 7.24 -4.97
C PRO A 223 14.28 6.91 -6.38
N LEU A 224 13.32 6.80 -7.30
CA LEU A 224 13.59 6.34 -8.65
C LEU A 224 14.73 7.10 -9.33
N TRP A 225 14.77 8.41 -9.16
CA TRP A 225 15.76 9.24 -9.84
C TRP A 225 17.18 8.90 -9.37
N ILE A 226 17.34 8.67 -8.08
CA ILE A 226 18.63 8.23 -7.55
C ILE A 226 18.98 6.83 -8.05
N THR A 227 18.03 5.91 -8.00
CA THR A 227 18.26 4.56 -8.51
C THR A 227 18.70 4.59 -9.97
N ALA A 228 18.03 5.41 -10.77
CA ALA A 228 18.34 5.57 -12.18
C ALA A 228 19.77 6.08 -12.32
N THR A 229 20.04 7.22 -11.68
CA THR A 229 21.33 7.89 -11.78
C THR A 229 22.49 6.95 -11.40
N LYS A 230 22.33 6.24 -10.28
CA LYS A 230 23.41 5.40 -9.77
C LYS A 230 23.68 4.20 -10.67
N GLN A 231 22.73 3.87 -11.53
CA GLN A 231 22.89 2.78 -12.48
C GLN A 231 23.13 3.30 -13.91
N GLY A 232 23.55 4.56 -14.01
CA GLY A 232 23.94 5.17 -15.28
C GLY A 232 22.81 5.47 -16.24
N VAL A 233 21.61 5.67 -15.73
CA VAL A 233 20.47 6.08 -16.55
C VAL A 233 20.09 7.50 -16.17
N ARG A 234 19.97 8.35 -17.18
CA ARG A 234 19.76 9.78 -16.94
C ARG A 234 18.28 10.06 -16.64
N ALA A 235 18.06 10.83 -15.58
CA ALA A 235 16.71 11.23 -15.18
C ALA A 235 16.49 12.71 -15.46
N GLY A 236 15.29 13.07 -15.94
CA GLY A 236 14.86 14.45 -15.94
C GLY A 236 14.61 14.84 -14.50
N THR A 237 14.49 16.13 -14.22
CA THR A 237 14.20 16.57 -12.86
C THR A 237 12.71 16.39 -12.59
N PHE A 238 12.40 15.59 -11.58
CA PHE A 238 11.02 15.24 -11.24
C PHE A 238 10.21 16.42 -10.72
N PHE A 239 10.88 17.29 -9.97
CA PHE A 239 10.19 18.34 -9.24
C PHE A 239 10.13 19.63 -10.04
N TRP A 240 9.05 20.38 -9.84
CA TRP A 240 8.90 21.66 -10.50
C TRP A 240 8.51 22.70 -9.47
N SER A 241 9.16 23.87 -9.54
CA SER A 241 8.78 25.00 -8.70
C SER A 241 7.35 25.38 -9.05
N VAL A 242 6.53 25.59 -8.02
CA VAL A 242 5.08 25.76 -8.20
C VAL A 242 4.69 26.88 -9.15
N SER A 243 5.62 27.80 -9.39
CA SER A 243 5.33 28.97 -10.22
C SER A 243 5.44 28.66 -11.71
N ILE A 244 6.04 27.52 -12.04
CA ILE A 244 6.21 27.16 -13.44
C ILE A 244 4.90 26.59 -14.00
N PRO A 245 4.32 27.28 -15.00
CA PRO A 245 3.03 26.85 -15.56
C PRO A 245 3.14 25.48 -16.21
N HIS A 246 2.07 24.71 -16.18
CA HIS A 246 2.06 23.36 -16.73
C HIS A 246 2.47 23.30 -18.19
N GLU A 247 2.10 24.31 -18.97
CA GLU A 247 2.45 24.33 -20.39
C GLU A 247 3.96 24.42 -20.57
N ARG A 248 4.64 25.08 -19.64
CA ARG A 248 6.09 25.21 -19.69
C ARG A 248 6.76 23.90 -19.25
N ARG A 249 6.15 23.21 -18.30
CA ARG A 249 6.68 21.91 -17.88
C ARG A 249 6.61 20.95 -19.04
N ILE A 250 5.49 20.94 -19.74
CA ILE A 250 5.34 20.09 -20.91
C ILE A 250 6.37 20.42 -22.00
N LEU A 251 6.52 21.69 -22.32
CA LEU A 251 7.46 22.09 -23.39
C LEU A 251 8.88 21.70 -23.02
N THR A 252 9.21 21.84 -21.74
CA THR A 252 10.53 21.48 -21.26
C THR A 252 10.78 19.99 -21.42
N ILE A 253 9.79 19.17 -21.08
CA ILE A 253 9.96 17.72 -21.25
C ILE A 253 10.21 17.43 -22.72
N LEU A 254 9.43 18.06 -23.59
CA LEU A 254 9.51 17.82 -25.02
C LEU A 254 10.87 18.25 -25.58
N GLN A 255 11.36 19.37 -25.07
CA GLN A 255 12.68 19.88 -25.43
C GLN A 255 13.77 18.91 -25.00
N TRP A 256 13.70 18.44 -23.75
CA TRP A 256 14.65 17.47 -23.22
C TRP A 256 14.72 16.22 -24.08
N LEU A 257 13.57 15.74 -24.53
CA LEU A 257 13.50 14.59 -25.44
C LEU A 257 14.09 14.87 -26.81
N SER A 258 14.26 16.14 -27.15
CA SER A 258 14.87 16.53 -28.41
C SER A 258 16.37 16.69 -28.29
N LEU A 259 16.90 16.50 -27.09
CA LEU A 259 18.33 16.69 -26.83
C LEU A 259 19.16 15.66 -27.60
N PRO A 260 20.44 15.96 -27.81
CA PRO A 260 21.36 15.02 -28.44
C PRO A 260 21.34 13.68 -27.71
N ASP A 261 21.58 12.60 -28.45
CA ASP A 261 21.64 11.25 -27.88
C ASP A 261 22.46 11.15 -26.58
N ASN A 262 23.53 11.92 -26.48
CA ASN A 262 24.40 11.83 -25.29
C ASN A 262 23.93 12.70 -24.10
N GLU A 263 22.85 13.44 -24.28
CA GLU A 263 22.33 14.26 -23.17
C GLU A 263 20.92 13.88 -22.76
N ARG A 264 20.20 13.25 -23.68
CA ARG A 264 18.77 12.98 -23.48
C ARG A 264 18.48 12.06 -22.29
N PRO A 265 17.60 12.51 -21.38
CA PRO A 265 17.20 11.64 -20.26
C PRO A 265 16.30 10.49 -20.70
N SER A 266 16.25 9.43 -19.89
CA SER A 266 15.37 8.30 -20.20
C SER A 266 14.08 8.30 -19.37
N VAL A 267 14.08 9.00 -18.23
CA VAL A 267 12.88 9.05 -17.40
C VAL A 267 12.53 10.50 -17.09
N TYR A 268 11.22 10.79 -17.15
CA TYR A 268 10.71 12.13 -16.97
C TYR A 268 9.49 12.04 -16.07
N ALA A 269 9.22 13.15 -15.39
CA ALA A 269 8.05 13.26 -14.53
C ALA A 269 7.41 14.63 -14.68
N PHE A 270 6.10 14.63 -14.86
CA PHE A 270 5.29 15.82 -14.81
C PHE A 270 4.41 15.71 -13.59
N TYR A 271 4.11 16.83 -12.95
CA TYR A 271 3.21 16.85 -11.81
C TYR A 271 2.19 17.97 -11.94
N SER A 272 0.94 17.66 -11.59
CA SER A 272 -0.09 18.69 -11.55
C SER A 272 -0.71 18.69 -10.17
N GLU A 273 -0.95 19.88 -9.63
CA GLU A 273 -1.55 20.01 -8.32
C GLU A 273 -3.08 19.87 -8.41
N GLN A 274 -3.60 19.81 -9.63
CA GLN A 274 -5.03 19.58 -9.86
C GLN A 274 -5.29 18.10 -10.14
N PRO A 275 -6.51 17.60 -9.84
CA PRO A 275 -7.68 18.35 -9.35
C PRO A 275 -7.77 18.40 -7.83
N ASP A 276 -6.65 18.22 -7.14
CA ASP A 276 -6.66 18.31 -5.68
C ASP A 276 -7.22 19.63 -5.18
N PHE A 277 -6.70 20.74 -5.72
CA PHE A 277 -7.14 22.07 -5.27
C PHE A 277 -8.65 22.24 -5.39
N SER A 278 -9.18 22.02 -6.58
CA SER A 278 -10.63 22.12 -6.79
C SER A 278 -11.45 21.12 -5.96
N GLY A 279 -10.89 19.92 -5.76
CA GLY A 279 -11.51 18.93 -4.91
C GLY A 279 -11.72 19.43 -3.49
N HIS A 280 -10.71 20.04 -2.88
CA HIS A 280 -10.85 20.62 -1.55
C HIS A 280 -11.92 21.72 -1.54
N LYS A 281 -11.88 22.60 -2.54
CA LYS A 281 -12.78 23.74 -2.58
C LYS A 281 -14.24 23.33 -2.79
N TYR A 282 -14.49 22.38 -3.69
CA TYR A 282 -15.86 22.07 -4.10
C TYR A 282 -16.33 20.66 -3.76
N GLY A 283 -15.43 19.79 -3.31
CA GLY A 283 -15.81 18.41 -3.04
C GLY A 283 -15.82 17.62 -4.34
N PRO A 284 -15.72 16.28 -4.23
CA PRO A 284 -15.47 15.49 -5.44
C PRO A 284 -16.65 15.39 -6.39
N PHE A 285 -17.86 15.61 -5.89
CA PHE A 285 -19.06 15.48 -6.74
C PHE A 285 -19.60 16.85 -7.14
N GLY A 286 -18.81 17.89 -6.93
CA GLY A 286 -19.17 19.22 -7.35
C GLY A 286 -19.14 19.36 -8.87
N PRO A 287 -20.12 20.09 -9.44
CA PRO A 287 -20.14 20.31 -10.88
C PRO A 287 -18.92 21.11 -11.29
N GLU A 288 -18.35 21.84 -10.33
CA GLU A 288 -17.17 22.65 -10.59
C GLU A 288 -15.93 21.79 -10.87
N MET A 289 -16.04 20.47 -10.67
CA MET A 289 -14.90 19.57 -10.89
C MET A 289 -14.62 19.34 -12.37
N THR A 290 -15.64 19.49 -13.20
CA THR A 290 -15.48 19.26 -14.64
C THR A 290 -14.39 20.15 -15.24
N ASN A 291 -14.37 21.42 -14.86
CA ASN A 291 -13.40 22.34 -15.44
C ASN A 291 -11.92 21.96 -15.19
N PRO A 292 -11.53 21.66 -13.93
CA PRO A 292 -10.13 21.24 -13.74
C PRO A 292 -9.79 19.92 -14.43
N LEU A 293 -10.73 18.99 -14.44
CA LEU A 293 -10.53 17.75 -15.20
C LEU A 293 -10.32 18.02 -16.70
N ARG A 294 -11.02 19.02 -17.23
CA ARG A 294 -10.83 19.41 -18.63
C ARG A 294 -9.43 19.96 -18.85
N GLU A 295 -8.97 20.78 -17.90
CA GLU A 295 -7.66 21.42 -18.01
C GLU A 295 -6.55 20.37 -17.99
N ILE A 296 -6.67 19.38 -17.12
CA ILE A 296 -5.68 18.30 -17.06
C ILE A 296 -5.63 17.52 -18.35
N ASP A 297 -6.81 17.21 -18.87
CA ASP A 297 -6.88 16.48 -20.13
C ASP A 297 -6.23 17.25 -21.25
N LYS A 298 -6.44 18.57 -21.27
CA LYS A 298 -5.82 19.43 -22.28
C LYS A 298 -4.28 19.35 -22.20
N THR A 299 -3.77 19.37 -20.98
CA THR A 299 -2.34 19.18 -20.74
C THR A 299 -1.88 17.80 -21.22
N VAL A 300 -2.65 16.76 -20.95
CA VAL A 300 -2.31 15.44 -21.48
C VAL A 300 -2.26 15.51 -23.01
N GLY A 301 -3.19 16.28 -23.59
CA GLY A 301 -3.31 16.39 -25.02
C GLY A 301 -2.11 17.11 -25.61
N GLN A 302 -1.64 18.12 -24.89
CA GLN A 302 -0.45 18.84 -25.32
C GLN A 302 0.74 17.91 -25.32
N LEU A 303 0.82 17.03 -24.32
CA LEU A 303 1.93 16.10 -24.24
C LEU A 303 1.91 15.11 -25.40
N MET A 304 0.74 14.54 -25.69
CA MET A 304 0.65 13.55 -26.75
C MET A 304 0.79 14.18 -28.15
N ASP A 305 0.20 15.35 -28.35
CA ASP A 305 0.39 16.11 -29.58
C ASP A 305 1.88 16.36 -29.76
N GLY A 306 2.54 16.77 -28.69
CA GLY A 306 3.97 17.04 -28.71
C GLY A 306 4.83 15.83 -29.04
N LEU A 307 4.50 14.68 -28.45
CA LEU A 307 5.23 13.44 -28.73
C LEU A 307 5.02 13.00 -30.18
N LYS A 308 3.79 13.17 -30.66
CA LYS A 308 3.44 12.81 -32.03
C LYS A 308 4.25 13.64 -33.02
N GLN A 309 4.34 14.95 -32.76
CA GLN A 309 5.18 15.84 -33.55
C GLN A 309 6.63 15.38 -33.58
N LEU A 310 7.11 14.85 -32.45
CA LEU A 310 8.47 14.35 -32.34
C LEU A 310 8.62 12.91 -32.86
N LYS A 311 7.53 12.35 -33.37
CA LYS A 311 7.51 10.95 -33.80
C LYS A 311 7.83 10.00 -32.64
N LEU A 312 7.31 10.31 -31.46
CA LEU A 312 7.60 9.56 -30.24
C LEU A 312 6.36 8.94 -29.59
N HIS A 313 5.21 9.08 -30.23
CA HIS A 313 3.94 8.68 -29.60
C HIS A 313 3.73 7.18 -29.56
N ARG A 314 4.61 6.43 -30.20
CA ARG A 314 4.54 4.97 -30.20
C ARG A 314 5.92 4.44 -29.81
N CYS A 315 6.63 5.30 -29.09
CA CYS A 315 7.97 5.03 -28.61
C CYS A 315 8.03 5.17 -27.08
N VAL A 316 7.31 6.14 -26.53
CA VAL A 316 7.37 6.47 -25.10
C VAL A 316 6.39 5.64 -24.26
N ASN A 317 6.83 5.19 -23.09
CA ASN A 317 5.88 4.63 -22.11
C ASN A 317 5.38 5.76 -21.21
N VAL A 318 4.06 5.89 -21.10
CA VAL A 318 3.46 6.91 -20.27
C VAL A 318 2.72 6.29 -19.10
N ILE A 319 2.98 6.78 -17.89
CA ILE A 319 2.22 6.34 -16.72
C ILE A 319 1.39 7.51 -16.21
N PHE A 320 0.08 7.30 -16.10
CA PHE A 320 -0.84 8.30 -15.62
C PHE A 320 -1.33 7.83 -14.27
N VAL A 321 -1.02 8.62 -13.24
CA VAL A 321 -1.07 8.12 -11.88
C VAL A 321 -1.39 9.21 -10.86
N GLY A 322 -2.23 8.87 -9.89
CA GLY A 322 -2.63 9.81 -8.86
C GLY A 322 -2.00 9.44 -7.53
N ASP A 323 -2.02 10.36 -6.58
CA ASP A 323 -1.43 10.07 -5.28
C ASP A 323 -2.46 9.61 -4.24
N HIS A 324 -3.71 10.03 -4.43
CA HIS A 324 -4.81 9.68 -3.52
C HIS A 324 -6.10 10.24 -4.09
N GLY A 325 -7.22 9.88 -3.48
CA GLY A 325 -8.51 10.39 -3.93
C GLY A 325 -8.98 11.60 -3.14
N MET A 326 -10.30 11.73 -3.01
CA MET A 326 -10.90 12.90 -2.39
C MET A 326 -12.31 12.54 -1.90
N GLU A 327 -12.64 12.98 -0.69
CA GLU A 327 -13.92 12.62 -0.05
C GLU A 327 -14.71 13.90 0.21
N ASP A 328 -16.02 13.79 0.39
CA ASP A 328 -16.86 14.90 0.84
C ASP A 328 -16.65 15.15 2.34
N VAL A 329 -16.08 16.29 2.67
CA VAL A 329 -15.80 16.65 4.06
C VAL A 329 -16.09 18.15 4.21
N THR A 330 -16.99 18.51 5.12
CA THR A 330 -17.36 19.91 5.33
C THR A 330 -17.19 20.31 6.80
N CYS A 331 -17.23 21.61 7.05
CA CYS A 331 -17.16 22.16 8.41
C CYS A 331 -18.14 21.53 9.41
N ASP A 332 -19.34 21.22 8.95
CA ASP A 332 -20.39 20.70 9.82
C ASP A 332 -20.08 19.31 10.40
N ARG A 333 -19.12 18.61 9.79
CA ARG A 333 -18.75 17.31 10.30
C ARG A 333 -17.37 17.31 10.96
N THR A 334 -17.25 18.02 12.07
CA THR A 334 -15.98 18.07 12.78
C THR A 334 -16.17 17.63 14.23
N GLU A 335 -15.41 16.61 14.65
CA GLU A 335 -15.32 16.26 16.06
C GLU A 335 -14.28 17.14 16.76
N PHE A 336 -14.57 17.53 18.00
CA PHE A 336 -13.66 18.34 18.78
C PHE A 336 -13.18 17.60 20.03
N LEU A 337 -11.87 17.48 20.19
CA LEU A 337 -11.32 16.80 21.36
C LEU A 337 -11.73 17.46 22.68
N SER A 338 -12.01 18.77 22.62
CA SER A 338 -12.38 19.53 23.80
C SER A 338 -13.72 19.06 24.35
N ASN A 339 -14.49 18.34 23.54
CA ASN A 339 -15.70 17.66 24.00
C ASN A 339 -15.42 16.42 24.86
N TYR A 340 -14.17 15.97 24.85
CA TYR A 340 -13.81 14.69 25.49
C TYR A 340 -12.75 14.89 26.56
N LEU A 341 -11.91 15.89 26.37
CA LEU A 341 -10.74 16.07 27.22
C LEU A 341 -10.83 17.43 27.85
N THR A 342 -10.31 17.54 29.06
CA THR A 342 -10.43 18.73 29.88
C THR A 342 -9.42 19.81 29.48
N ASN A 343 -8.20 19.40 29.15
CA ASN A 343 -7.14 20.37 28.85
C ASN A 343 -6.49 20.22 27.48
N VAL A 344 -7.19 20.61 26.42
CA VAL A 344 -6.65 20.41 25.06
C VAL A 344 -5.50 21.35 24.71
N ASP A 345 -5.38 22.44 25.46
CA ASP A 345 -4.31 23.40 25.21
C ASP A 345 -2.92 22.86 25.61
N ASP A 346 -2.90 21.71 26.27
CA ASP A 346 -1.65 21.06 26.66
C ASP A 346 -1.17 20.00 25.66
N ILE A 347 -1.99 19.71 24.65
CA ILE A 347 -1.55 18.78 23.60
C ILE A 347 -1.47 19.44 22.24
N THR A 348 -0.61 18.88 21.40
CA THR A 348 -0.52 19.24 20.00
C THR A 348 -1.22 18.14 19.23
N LEU A 349 -2.13 18.54 18.34
CA LEU A 349 -2.85 17.56 17.54
C LEU A 349 -2.56 17.76 16.08
N VAL A 350 -2.07 16.71 15.44
CA VAL A 350 -2.03 16.72 13.98
C VAL A 350 -3.45 16.36 13.52
N PRO A 351 -4.17 17.31 12.91
CA PRO A 351 -5.62 17.23 12.83
C PRO A 351 -6.13 16.88 11.44
N GLY A 352 -7.45 16.83 11.32
CA GLY A 352 -8.12 16.66 10.03
C GLY A 352 -8.73 15.29 9.85
N THR A 353 -8.31 14.62 8.78
CA THR A 353 -8.81 13.31 8.39
C THR A 353 -8.02 12.20 9.07
N LEU A 354 -7.10 12.58 9.95
CA LEU A 354 -6.44 11.64 10.84
C LEU A 354 -6.05 12.41 12.09
N GLY A 355 -5.71 11.70 13.15
CA GLY A 355 -5.26 12.38 14.34
C GLY A 355 -3.95 11.81 14.81
N ARG A 356 -2.99 12.68 15.15
CA ARG A 356 -1.80 12.22 15.88
C ARG A 356 -1.61 13.15 17.05
N ILE A 357 -1.43 12.62 18.25
CA ILE A 357 -1.41 13.46 19.45
C ILE A 357 -0.10 13.30 20.18
N ARG A 358 0.43 14.41 20.69
CA ARG A 358 1.62 14.40 21.54
C ARG A 358 1.49 15.62 22.45
N PRO A 359 2.30 15.69 23.53
CA PRO A 359 2.22 16.88 24.39
C PRO A 359 2.70 18.14 23.67
N LYS A 360 2.09 19.27 23.95
CA LYS A 360 2.49 20.53 23.34
C LYS A 360 3.94 20.83 23.63
N ILE A 361 4.35 20.56 24.86
CA ILE A 361 5.74 20.69 25.24
C ILE A 361 6.34 19.31 25.12
N PRO A 362 7.33 19.15 24.23
CA PRO A 362 7.94 17.84 24.00
C PRO A 362 8.36 17.20 25.33
N ASN A 363 8.09 15.90 25.47
CA ASN A 363 8.46 15.15 26.68
C ASN A 363 7.87 15.74 27.96
N ASN A 364 6.71 16.39 27.87
CA ASN A 364 6.02 16.90 29.06
C ASN A 364 5.67 15.72 29.94
N LEU A 365 6.22 15.73 31.15
CA LEU A 365 6.09 14.57 32.04
C LEU A 365 4.68 14.34 32.56
N LYS A 366 3.85 15.38 32.55
CA LYS A 366 2.46 15.27 33.00
C LYS A 366 1.52 14.69 31.93
N TYR A 367 2.01 14.58 30.71
CA TYR A 367 1.27 13.96 29.63
C TYR A 367 0.79 12.57 30.07
N ASP A 368 -0.52 12.33 30.02
CA ASP A 368 -1.12 11.08 30.50
C ASP A 368 -1.91 10.34 29.40
N PRO A 369 -1.20 9.62 28.52
CA PRO A 369 -1.82 9.00 27.34
C PRO A 369 -2.89 7.94 27.65
N LYS A 370 -2.68 7.10 28.66
CA LYS A 370 -3.73 6.15 29.06
C LYS A 370 -5.03 6.85 29.47
N ALA A 371 -4.91 8.00 30.12
CA ALA A 371 -6.08 8.75 30.54
C ALA A 371 -6.75 9.43 29.35
N ILE A 372 -5.95 9.94 28.42
CA ILE A 372 -6.48 10.55 27.23
C ILE A 372 -7.23 9.51 26.43
N ILE A 373 -6.58 8.38 26.17
CA ILE A 373 -7.22 7.31 25.41
C ILE A 373 -8.54 6.87 26.04
N ALA A 374 -8.54 6.77 27.37
CA ALA A 374 -9.75 6.36 28.09
C ALA A 374 -10.90 7.36 27.87
N ASN A 375 -10.61 8.65 27.93
CA ASN A 375 -11.61 9.67 27.62
C ASN A 375 -12.03 9.72 26.14
N LEU A 376 -11.30 9.02 25.29
CA LEU A 376 -11.56 9.07 23.85
C LEU A 376 -12.22 7.79 23.36
N THR A 377 -12.43 6.84 24.27
CA THR A 377 -12.87 5.51 23.88
C THR A 377 -14.38 5.34 24.03
N CYS A 378 -15.06 5.15 22.90
CA CYS A 378 -16.49 4.85 22.88
C CYS A 378 -17.34 5.75 23.79
N LYS A 379 -17.16 7.07 23.65
CA LYS A 379 -17.80 8.03 24.56
C LYS A 379 -19.07 8.66 23.97
N LYS A 380 -19.20 8.66 22.65
CA LYS A 380 -20.46 9.04 22.00
C LYS A 380 -20.89 7.85 21.16
N PRO A 381 -22.20 7.59 21.09
CA PRO A 381 -22.63 6.41 20.34
C PRO A 381 -22.40 6.57 18.83
N ASP A 382 -22.34 7.80 18.35
CA ASP A 382 -22.09 8.02 16.93
C ASP A 382 -20.67 8.52 16.66
N GLN A 383 -19.77 8.29 17.60
CA GLN A 383 -18.42 8.81 17.57
C GLN A 383 -17.70 8.59 16.22
N HIS A 384 -17.20 9.66 15.64
CA HIS A 384 -16.69 9.62 14.27
C HIS A 384 -15.16 9.50 14.16
N PHE A 385 -14.55 8.97 15.22
CA PHE A 385 -13.14 8.56 15.19
C PHE A 385 -12.92 7.49 16.24
N LYS A 386 -11.79 6.80 16.15
CA LYS A 386 -11.42 5.82 17.16
C LYS A 386 -9.94 5.94 17.54
N PRO A 387 -9.65 6.07 18.84
CA PRO A 387 -8.25 6.17 19.27
C PRO A 387 -7.55 4.81 19.20
N TYR A 388 -6.25 4.84 18.95
CA TYR A 388 -5.46 3.63 18.84
C TYR A 388 -4.06 3.94 19.34
N MET A 389 -3.50 3.09 20.20
CA MET A 389 -2.04 3.09 20.33
C MET A 389 -1.54 2.58 18.97
N LYS A 390 -0.44 3.11 18.46
CA LYS A 390 -0.10 2.82 17.08
C LYS A 390 0.14 1.35 16.81
N GLN A 391 0.59 0.61 17.83
CA GLN A 391 0.78 -0.82 17.66
C GLN A 391 -0.55 -1.57 17.53
N HIS A 392 -1.64 -0.91 17.85
CA HIS A 392 -2.98 -1.51 17.74
C HIS A 392 -3.66 -1.24 16.41
N LEU A 393 -3.09 -0.32 15.62
CA LEU A 393 -3.64 -0.03 14.29
C LEU A 393 -3.58 -1.29 13.47
N PRO A 394 -4.57 -1.49 12.58
CA PRO A 394 -4.56 -2.61 11.65
C PRO A 394 -3.21 -2.75 10.97
N LYS A 395 -2.69 -3.97 10.95
CA LYS A 395 -1.36 -4.23 10.44
C LYS A 395 -1.23 -3.88 8.94
N ARG A 396 -2.33 -3.99 8.19
CA ARG A 396 -2.33 -3.67 6.76
C ARG A 396 -1.87 -2.22 6.48
N LEU A 397 -2.06 -1.34 7.46
CA LEU A 397 -1.67 0.07 7.30
C LEU A 397 -0.16 0.27 7.40
N HIS A 398 0.53 -0.64 8.09
CA HIS A 398 2.00 -0.59 8.21
C HIS A 398 2.47 0.76 8.69
N TYR A 399 1.82 1.24 9.75
CA TYR A 399 2.02 2.61 10.20
C TYR A 399 2.36 2.69 11.69
N ALA A 400 3.54 2.24 12.07
CA ALA A 400 3.92 2.33 13.48
C ALA A 400 5.42 2.39 13.70
N ASN A 401 6.19 1.77 12.80
CA ASN A 401 7.61 1.60 13.04
C ASN A 401 8.46 2.80 12.61
N ASN A 402 8.22 3.94 13.24
CA ASN A 402 8.97 5.15 12.95
C ASN A 402 8.83 6.11 14.12
N ARG A 403 9.92 6.74 14.52
CA ARG A 403 9.88 7.66 15.67
C ARG A 403 9.04 8.93 15.43
N ARG A 404 8.75 9.22 14.16
CA ARG A 404 7.95 10.38 13.81
C ARG A 404 6.45 10.09 13.90
N ILE A 405 6.10 8.84 14.17
CA ILE A 405 4.68 8.52 14.32
C ILE A 405 4.32 8.49 15.81
N GLU A 406 3.52 9.46 16.25
CA GLU A 406 3.08 9.56 17.63
C GLU A 406 2.47 8.24 18.11
N ASP A 407 2.68 7.91 19.39
CA ASP A 407 2.12 6.69 19.98
C ASP A 407 0.60 6.69 19.90
N LEU A 408 -0.01 7.86 20.12
CA LEU A 408 -1.47 7.99 20.10
C LEU A 408 -1.97 8.41 18.72
N HIS A 409 -2.88 7.63 18.14
CA HIS A 409 -3.40 7.90 16.82
C HIS A 409 -4.91 7.92 16.88
N LEU A 410 -5.54 8.66 15.98
CA LEU A 410 -6.98 8.59 15.82
C LEU A 410 -7.28 8.24 14.37
N LEU A 411 -7.97 7.12 14.15
CA LEU A 411 -8.45 6.81 12.83
C LEU A 411 -9.79 7.50 12.71
N VAL A 412 -9.90 8.42 11.76
CA VAL A 412 -11.11 9.23 11.63
C VAL A 412 -12.06 8.60 10.61
N GLU A 413 -13.36 8.66 10.88
CA GLU A 413 -14.35 8.08 9.99
C GLU A 413 -14.42 8.88 8.70
N ARG A 414 -14.63 8.20 7.57
CA ARG A 414 -14.74 8.89 6.28
C ARG A 414 -15.81 9.99 6.37
N ARG A 415 -15.58 11.10 5.66
CA ARG A 415 -16.46 12.28 5.64
C ARG A 415 -16.33 13.20 6.87
N TRP A 416 -15.52 12.80 7.84
CA TRP A 416 -15.37 13.59 9.07
C TRP A 416 -13.98 14.17 9.27
N HIS A 417 -13.91 15.18 10.12
CA HIS A 417 -12.69 15.80 10.57
C HIS A 417 -12.61 15.68 12.10
N VAL A 418 -11.38 15.67 12.61
CA VAL A 418 -11.15 15.83 14.05
C VAL A 418 -10.28 17.07 14.27
N ALA A 419 -10.72 17.94 15.17
CA ALA A 419 -10.00 19.16 15.53
C ALA A 419 -9.77 19.18 17.04
N ARG A 420 -8.86 20.04 17.50
CA ARG A 420 -8.56 20.13 18.92
C ARG A 420 -9.70 20.83 19.67
N LYS A 421 -10.16 21.97 19.16
CA LYS A 421 -11.24 22.72 19.81
C LYS A 421 -11.90 23.68 18.82
N PRO A 422 -13.12 24.13 19.12
CA PRO A 422 -13.79 25.10 18.24
C PRO A 422 -13.03 26.41 18.15
N CYS A 433 -18.32 27.91 5.23
CA CYS A 433 -17.24 26.94 5.19
C CYS A 433 -16.54 26.94 3.84
N PHE A 434 -15.22 27.16 3.86
CA PHE A 434 -14.43 27.26 2.63
C PHE A 434 -14.15 25.94 1.90
N PHE A 435 -14.13 24.82 2.64
CA PHE A 435 -13.76 23.54 2.05
C PHE A 435 -14.94 22.58 1.99
N GLN A 436 -14.99 21.78 0.94
CA GLN A 436 -16.02 20.74 0.84
C GLN A 436 -15.43 19.35 0.59
N GLY A 437 -14.11 19.26 0.50
CA GLY A 437 -13.47 18.00 0.21
C GLY A 437 -12.19 17.83 1.00
N ASP A 438 -11.84 16.58 1.31
CA ASP A 438 -10.54 16.30 1.93
C ASP A 438 -10.18 14.84 1.81
N HIS A 439 -8.98 14.48 2.24
CA HIS A 439 -8.47 13.13 2.08
C HIS A 439 -7.47 12.90 3.20
N GLY A 440 -7.04 11.66 3.43
CA GLY A 440 -6.16 11.36 4.54
C GLY A 440 -6.56 10.06 5.24
N PHE A 441 -7.81 9.67 5.03
CA PHE A 441 -8.43 8.55 5.73
C PHE A 441 -7.76 7.23 5.44
N ASP A 442 -8.16 6.21 6.21
CA ASP A 442 -7.85 4.80 5.98
C ASP A 442 -7.79 4.51 4.47
N ASN A 443 -6.69 3.89 4.03
CA ASN A 443 -6.45 3.70 2.59
C ASN A 443 -7.30 2.62 1.91
N LYS A 444 -8.17 1.96 2.68
CA LYS A 444 -9.11 1.04 2.03
C LYS A 444 -10.45 1.70 1.72
N VAL A 445 -10.61 2.95 2.16
CA VAL A 445 -11.84 3.72 1.90
C VAL A 445 -11.97 4.01 0.41
N ASN A 446 -13.15 3.77 -0.16
CA ASN A 446 -13.34 3.88 -1.60
C ASN A 446 -12.98 5.24 -2.16
N SER A 447 -13.38 6.29 -1.45
CA SER A 447 -13.14 7.64 -1.93
C SER A 447 -11.65 8.02 -1.96
N MET A 448 -10.81 7.24 -1.29
CA MET A 448 -9.36 7.51 -1.30
C MET A 448 -8.60 6.84 -2.43
N GLN A 449 -9.26 5.94 -3.17
CA GLN A 449 -8.59 5.24 -4.25
C GLN A 449 -8.25 6.21 -5.36
N THR A 450 -7.14 5.97 -6.04
CA THR A 450 -6.72 6.88 -7.07
C THR A 450 -6.51 6.09 -8.37
N VAL A 451 -5.91 6.73 -9.37
CA VAL A 451 -5.90 6.22 -10.75
C VAL A 451 -4.55 5.62 -11.15
N PHE A 452 -4.59 4.60 -12.00
CA PHE A 452 -3.41 4.13 -12.74
C PHE A 452 -3.75 3.73 -14.18
N VAL A 453 -3.00 4.28 -15.14
CA VAL A 453 -3.03 3.87 -16.54
C VAL A 453 -1.60 3.83 -17.04
N GLY A 454 -1.26 2.75 -17.72
CA GLY A 454 0.02 2.65 -18.41
C GLY A 454 -0.26 2.55 -19.90
N TYR A 455 0.43 3.34 -20.69
CA TYR A 455 0.26 3.33 -22.15
C TYR A 455 1.62 3.32 -22.80
N GLY A 456 1.83 2.42 -23.74
CA GLY A 456 3.09 2.39 -24.46
C GLY A 456 3.53 1.00 -24.84
N PRO A 457 4.67 0.90 -25.53
CA PRO A 457 5.14 -0.37 -26.10
C PRO A 457 5.36 -1.47 -25.07
N THR A 458 5.68 -1.10 -23.83
CA THR A 458 5.97 -2.13 -22.84
C THR A 458 4.69 -2.57 -22.12
N PHE A 459 3.68 -1.72 -22.15
CA PHE A 459 2.38 -2.06 -21.56
C PHE A 459 1.50 -2.85 -22.52
N LYS A 460 0.52 -3.56 -21.98
CA LYS A 460 -0.39 -4.30 -22.84
C LYS A 460 -1.38 -3.37 -23.50
N TYR A 461 -2.01 -3.86 -24.56
CA TYR A 461 -2.99 -3.12 -25.34
C TYR A 461 -4.40 -3.49 -24.87
N ARG A 462 -5.25 -2.49 -24.65
CA ARG A 462 -6.64 -2.68 -24.24
C ARG A 462 -6.78 -3.74 -23.15
N THR A 463 -6.06 -3.57 -22.05
CA THR A 463 -6.10 -4.55 -20.98
C THR A 463 -6.48 -3.94 -19.63
N LYS A 464 -7.47 -4.52 -18.96
CA LYS A 464 -7.82 -4.12 -17.61
C LYS A 464 -7.14 -5.08 -16.65
N VAL A 465 -6.59 -4.55 -15.57
CA VAL A 465 -5.94 -5.40 -14.56
C VAL A 465 -6.57 -5.13 -13.20
N PRO A 466 -6.47 -6.09 -12.25
CA PRO A 466 -7.08 -5.84 -10.96
C PRO A 466 -6.45 -4.60 -10.28
N PRO A 467 -7.17 -4.00 -9.33
CA PRO A 467 -6.55 -2.92 -8.55
C PRO A 467 -5.31 -3.45 -7.83
N PHE A 468 -4.36 -2.56 -7.57
CA PHE A 468 -3.14 -2.94 -6.87
C PHE A 468 -2.65 -1.75 -6.05
N GLU A 469 -1.62 -1.95 -5.24
CA GLU A 469 -1.13 -0.91 -4.32
C GLU A 469 0.03 -0.12 -4.91
N ASN A 470 0.10 1.16 -4.57
CA ASN A 470 1.10 2.02 -5.20
C ASN A 470 2.54 1.63 -4.81
N ILE A 471 2.70 0.88 -3.72
CA ILE A 471 4.04 0.38 -3.33
C ILE A 471 4.65 -0.56 -4.40
N GLU A 472 3.79 -1.14 -5.23
CA GLU A 472 4.25 -2.04 -6.30
C GLU A 472 4.89 -1.32 -7.51
N LEU A 473 4.62 -0.03 -7.67
CA LEU A 473 4.98 0.66 -8.92
C LEU A 473 6.47 0.89 -9.12
N TYR A 474 7.18 1.12 -8.03
CA TYR A 474 8.61 1.37 -8.13
C TYR A 474 9.33 0.22 -8.85
N ASN A 475 9.04 -1.04 -8.47
CA ASN A 475 9.60 -2.19 -9.17
C ASN A 475 9.30 -2.18 -10.68
N VAL A 476 8.09 -1.80 -11.05
CA VAL A 476 7.67 -1.81 -12.45
C VAL A 476 8.38 -0.74 -13.24
N MET A 477 8.51 0.45 -12.64
CA MET A 477 9.23 1.53 -13.27
C MET A 477 10.69 1.15 -13.46
N CYS A 478 11.25 0.44 -12.48
CA CYS A 478 12.60 -0.08 -12.60
C CYS A 478 12.69 -1.07 -13.76
N ASP A 479 11.73 -1.98 -13.85
CA ASP A 479 11.64 -2.91 -14.98
C ASP A 479 11.55 -2.15 -16.30
N LEU A 480 10.73 -1.11 -16.32
CA LEU A 480 10.54 -0.31 -17.53
C LEU A 480 11.82 0.39 -17.96
N LEU A 481 12.73 0.61 -17.01
CA LEU A 481 13.93 1.37 -17.30
C LEU A 481 15.20 0.53 -17.31
N GLY A 482 15.05 -0.78 -17.09
CA GLY A 482 16.18 -1.70 -17.06
C GLY A 482 16.98 -1.64 -15.76
N LEU A 483 16.34 -1.20 -14.67
CA LEU A 483 17.05 -0.99 -13.42
C LEU A 483 16.86 -2.11 -12.43
N LYS A 484 17.82 -2.27 -11.53
CA LYS A 484 17.66 -3.18 -10.41
C LYS A 484 17.13 -2.37 -9.24
N PRO A 485 15.94 -2.73 -8.73
CA PRO A 485 15.30 -1.93 -7.68
C PRO A 485 16.10 -2.03 -6.38
N ALA A 486 16.18 -0.94 -5.64
CA ALA A 486 16.67 -0.98 -4.28
C ALA A 486 15.64 -1.75 -3.42
N PRO A 487 16.05 -2.24 -2.24
CA PRO A 487 15.13 -2.98 -1.36
C PRO A 487 13.86 -2.19 -1.08
N ASN A 488 12.71 -2.81 -1.29
CA ASN A 488 11.45 -2.09 -1.09
C ASN A 488 10.32 -3.01 -0.74
N ASN A 489 9.12 -2.46 -0.58
CA ASN A 489 8.01 -3.26 -0.05
C ASN A 489 7.09 -3.84 -1.11
N GLY A 490 7.35 -3.50 -2.37
CA GLY A 490 6.68 -4.20 -3.45
C GLY A 490 7.07 -5.68 -3.45
N THR A 491 6.32 -6.47 -4.19
CA THR A 491 6.61 -7.89 -4.37
C THR A 491 6.88 -8.04 -5.85
N HIS A 492 8.17 -8.11 -6.18
CA HIS A 492 8.60 -7.99 -7.56
C HIS A 492 8.12 -9.20 -8.36
N GLY A 493 7.27 -8.92 -9.33
CA GLY A 493 6.67 -9.98 -10.13
C GLY A 493 5.15 -9.94 -10.04
N SER A 494 4.62 -9.43 -8.92
CA SER A 494 3.17 -9.39 -8.72
C SER A 494 2.43 -8.53 -9.73
N LEU A 495 3.16 -7.68 -10.46
CA LEU A 495 2.59 -6.85 -11.53
C LEU A 495 3.08 -7.18 -12.93
N ASN A 496 3.67 -8.36 -13.12
CA ASN A 496 4.10 -8.78 -14.45
C ASN A 496 2.97 -8.78 -15.47
N HIS A 497 1.73 -8.97 -15.00
CA HIS A 497 0.60 -9.11 -15.92
C HIS A 497 0.20 -7.77 -16.55
N LEU A 498 0.86 -6.70 -16.13
CA LEU A 498 0.61 -5.39 -16.74
C LEU A 498 1.50 -5.17 -17.97
N LEU A 499 2.51 -6.03 -18.15
CA LEU A 499 3.54 -5.74 -19.15
C LEU A 499 3.56 -6.73 -20.34
N ARG A 500 3.71 -6.19 -21.54
CA ARG A 500 3.93 -6.98 -22.74
C ARG A 500 5.26 -7.75 -22.67
N THR A 501 6.31 -7.03 -22.30
CA THR A 501 7.63 -7.63 -22.06
C THR A 501 8.32 -6.87 -20.93
N ASN A 502 9.62 -7.07 -20.79
CA ASN A 502 10.41 -6.52 -19.69
C ASN A 502 9.96 -6.99 -18.32
N THR A 503 9.21 -8.10 -18.31
CA THR A 503 8.72 -8.71 -17.09
C THR A 503 9.92 -9.12 -16.23
N PHE A 504 9.65 -9.41 -14.96
CA PHE A 504 10.69 -9.85 -14.04
C PHE A 504 10.45 -11.30 -13.73
N ARG A 505 11.46 -12.14 -13.99
CA ARG A 505 11.29 -13.55 -13.65
C ARG A 505 11.60 -13.75 -12.18
N PRO A 506 10.55 -13.98 -11.39
CA PRO A 506 10.74 -14.16 -9.95
C PRO A 506 11.28 -15.55 -9.67
N THR A 507 11.97 -15.72 -8.55
CA THR A 507 12.41 -17.05 -8.16
C THR A 507 11.92 -17.31 -6.75
N LEU A 508 11.40 -18.51 -6.55
CA LEU A 508 10.88 -18.97 -5.27
C LEU A 508 11.99 -18.90 -4.21
N PRO A 509 11.67 -18.38 -3.02
CA PRO A 509 12.71 -18.32 -1.99
C PRO A 509 12.97 -19.73 -1.49
N GLU A 510 14.18 -20.00 -1.04
CA GLU A 510 14.54 -21.36 -0.63
C GLU A 510 14.21 -21.63 0.83
N GLU A 511 13.69 -22.83 1.08
CA GLU A 511 13.37 -23.23 2.44
C GLU A 511 14.62 -23.26 3.30
N VAL A 512 14.51 -22.75 4.53
CA VAL A 512 15.66 -22.70 5.41
C VAL A 512 15.64 -23.85 6.40
N SER A 513 14.46 -24.13 6.96
CA SER A 513 14.31 -25.23 7.88
C SER A 513 13.42 -26.33 7.30
N ARG A 514 13.97 -27.53 7.20
CA ARG A 514 13.20 -28.70 6.81
C ARG A 514 12.52 -29.26 8.05
N PRO A 515 11.33 -29.87 7.89
CA PRO A 515 10.57 -30.32 9.05
C PRO A 515 10.89 -31.75 9.49
N ASN A 516 10.89 -31.97 10.79
CA ASN A 516 10.91 -33.32 11.32
C ASN A 516 9.54 -33.94 11.10
N TYR A 517 9.52 -35.24 10.85
CA TYR A 517 8.27 -35.99 10.83
C TYR A 517 8.40 -37.03 11.92
N PRO A 518 7.94 -36.69 13.14
CA PRO A 518 8.10 -37.63 14.26
C PRO A 518 6.91 -38.58 14.41
N GLY A 519 7.21 -39.86 14.57
CA GLY A 519 6.20 -40.84 14.90
C GLY A 519 6.01 -40.86 16.40
N ILE A 520 5.42 -41.93 16.93
CA ILE A 520 5.28 -42.04 18.37
C ILE A 520 6.63 -42.37 19.01
N MET A 521 6.90 -41.75 20.15
CA MET A 521 8.12 -42.01 20.91
C MET A 521 7.81 -41.95 22.41
N TYR A 522 6.56 -41.63 22.74
CA TYR A 522 6.18 -41.45 24.13
C TYR A 522 4.83 -42.09 24.46
N LEU A 523 4.50 -42.13 25.75
CA LEU A 523 3.19 -42.60 26.20
C LEU A 523 2.60 -41.57 27.15
N GLN A 524 1.28 -41.62 27.32
CA GLN A 524 0.57 -40.68 28.19
C GLN A 524 1.21 -40.62 29.58
N SER A 525 1.78 -41.75 30.00
CA SER A 525 2.43 -41.86 31.29
C SER A 525 3.73 -41.05 31.38
N ASP A 526 4.23 -40.59 30.23
CA ASP A 526 5.46 -39.80 30.21
C ASP A 526 5.25 -38.32 30.54
N PHE A 527 3.99 -37.89 30.57
CA PHE A 527 3.67 -36.46 30.64
C PHE A 527 3.17 -35.99 32.00
N ASP A 528 3.85 -34.98 32.55
CA ASP A 528 3.38 -34.32 33.77
C ASP A 528 3.08 -32.85 33.48
N LEU A 529 1.96 -32.60 32.80
CA LEU A 529 1.65 -31.26 32.29
C LEU A 529 0.51 -30.59 33.04
N GLY A 530 -0.25 -31.36 33.80
CA GLY A 530 -1.36 -30.80 34.55
C GLY A 530 -2.63 -30.77 33.75
N CYS A 531 -2.58 -31.38 32.56
CA CYS A 531 -3.75 -31.47 31.71
C CYS A 531 -4.60 -32.68 32.09
N THR A 532 -5.92 -32.51 32.06
CA THR A 532 -6.83 -33.62 32.31
C THR A 532 -7.89 -33.68 31.22
N CYS A 533 -8.07 -34.85 30.64
CA CYS A 533 -9.18 -35.08 29.74
C CYS A 533 -10.01 -36.25 30.25
N ASP A 534 -11.34 -36.10 30.20
CA ASP A 534 -12.25 -37.14 30.63
C ASP A 534 -12.63 -38.08 29.49
N SER A 551 -3.48 -40.16 3.99
CA SER A 551 -3.72 -39.22 2.91
C SER A 551 -4.32 -37.93 3.44
N THR A 552 -3.70 -37.38 4.48
CA THR A 552 -4.13 -36.10 5.05
C THR A 552 -3.83 -34.96 4.07
N GLU A 553 -2.60 -34.95 3.58
CA GLU A 553 -2.05 -33.82 2.85
C GLU A 553 -2.91 -33.38 1.67
N GLU A 554 -3.17 -34.29 0.75
CA GLU A 554 -3.92 -34.00 -0.46
C GLU A 554 -5.25 -33.29 -0.19
N ARG A 555 -5.84 -33.55 0.97
CA ARG A 555 -7.15 -32.98 1.31
C ARG A 555 -7.08 -31.78 2.25
N HIS A 556 -6.00 -31.64 3.01
CA HIS A 556 -5.93 -30.55 3.98
C HIS A 556 -4.77 -29.58 3.75
N LEU A 557 -3.96 -29.85 2.73
CA LEU A 557 -2.82 -29.00 2.41
C LEU A 557 -2.73 -28.83 0.89
N LEU A 558 -3.68 -28.07 0.35
CA LEU A 558 -3.93 -28.02 -1.10
C LEU A 558 -2.85 -27.34 -1.94
N TYR A 559 -2.02 -26.51 -1.33
CA TYR A 559 -1.07 -25.75 -2.12
C TYR A 559 0.35 -25.97 -1.64
N GLY A 560 0.61 -27.15 -1.12
CA GLY A 560 1.91 -27.49 -0.56
C GLY A 560 2.04 -26.97 0.84
N ARG A 561 3.02 -27.47 1.59
CA ARG A 561 3.26 -26.93 2.92
C ARG A 561 3.96 -25.59 2.77
N PRO A 562 3.71 -24.66 3.71
CA PRO A 562 4.44 -23.40 3.73
C PRO A 562 5.91 -23.67 4.02
N ALA A 563 6.82 -22.98 3.35
CA ALA A 563 8.25 -23.14 3.63
C ALA A 563 8.65 -22.22 4.77
N VAL A 564 9.51 -22.73 5.65
CA VAL A 564 10.03 -21.93 6.75
C VAL A 564 11.31 -21.27 6.30
N LEU A 565 11.35 -19.94 6.34
CA LEU A 565 12.45 -19.19 5.76
C LEU A 565 13.40 -18.63 6.80
N TYR A 566 13.50 -19.29 7.95
CA TYR A 566 14.45 -18.91 8.98
C TYR A 566 14.89 -20.15 9.77
N ARG A 567 16.02 -20.06 10.46
CA ARG A 567 16.58 -21.20 11.18
C ARG A 567 15.74 -21.51 12.41
N THR A 568 15.12 -22.69 12.43
CA THR A 568 14.25 -23.09 13.53
C THR A 568 13.99 -24.58 13.43
N SER A 569 13.35 -25.15 14.45
CA SER A 569 13.07 -26.58 14.47
C SER A 569 11.57 -26.87 14.64
N TYR A 570 11.00 -27.62 13.69
CA TYR A 570 9.58 -27.92 13.76
C TYR A 570 9.20 -29.31 13.25
N ASP A 571 8.06 -29.79 13.71
CA ASP A 571 7.56 -31.12 13.37
C ASP A 571 6.27 -31.02 12.56
N ILE A 572 6.21 -31.72 11.43
CA ILE A 572 4.95 -31.90 10.74
C ILE A 572 4.09 -32.85 11.56
N LEU A 573 2.83 -32.51 11.76
CA LEU A 573 1.92 -33.38 12.46
C LEU A 573 0.69 -33.59 11.60
N TYR A 574 0.38 -34.86 11.32
CA TYR A 574 -0.79 -35.20 10.52
C TYR A 574 -1.95 -35.58 11.43
N HIS A 575 -3.15 -35.22 11.00
CA HIS A 575 -4.35 -35.57 11.73
C HIS A 575 -5.39 -35.85 10.68
N THR A 576 -6.51 -36.41 11.10
CA THR A 576 -7.58 -36.75 10.18
C THR A 576 -8.17 -35.50 9.53
N ASP A 577 -8.37 -34.45 10.33
CA ASP A 577 -9.05 -33.25 9.83
C ASP A 577 -8.11 -32.07 9.52
N PHE A 578 -6.88 -32.13 10.00
CA PHE A 578 -5.95 -31.03 9.78
C PHE A 578 -4.51 -31.49 9.78
N GLU A 579 -3.62 -30.60 9.34
CA GLU A 579 -2.19 -30.82 9.42
C GLU A 579 -1.60 -29.58 10.06
N SER A 580 -0.41 -29.68 10.64
CA SER A 580 0.20 -28.53 11.28
C SER A 580 1.73 -28.61 11.26
N GLY A 581 2.36 -27.44 11.31
CA GLY A 581 3.81 -27.35 11.46
C GLY A 581 4.09 -26.91 12.88
N TYR A 582 4.37 -27.86 13.75
CA TYR A 582 4.51 -27.56 15.16
C TYR A 582 5.93 -27.16 15.51
N SER A 583 6.09 -26.00 16.12
CA SER A 583 7.40 -25.50 16.48
C SER A 583 7.80 -25.98 17.85
N GLU A 584 8.95 -26.65 17.92
CA GLU A 584 9.45 -27.15 19.19
C GLU A 584 10.10 -26.03 19.99
N ILE A 585 10.18 -24.85 19.37
CA ILE A 585 10.82 -23.69 19.99
C ILE A 585 9.78 -22.78 20.62
N PHE A 586 8.69 -22.52 19.90
CA PHE A 586 7.67 -21.60 20.37
C PHE A 586 6.49 -22.35 20.98
N LEU A 587 6.57 -23.67 20.94
CA LEU A 587 5.65 -24.55 21.66
C LEU A 587 4.21 -24.48 21.15
N MET A 588 4.07 -24.28 19.85
CA MET A 588 2.77 -24.21 19.24
C MET A 588 2.98 -24.31 17.73
N PRO A 589 1.90 -24.56 16.97
CA PRO A 589 2.08 -24.57 15.52
C PRO A 589 2.44 -23.18 14.98
N LEU A 590 3.19 -23.16 13.88
CA LEU A 590 3.47 -21.92 13.16
C LEU A 590 2.35 -21.74 12.17
N TRP A 591 1.69 -22.85 11.87
CA TRP A 591 0.56 -22.89 10.96
C TRP A 591 -0.20 -24.19 11.14
N THR A 592 -1.52 -24.08 11.06
CA THR A 592 -2.40 -25.23 11.10
C THR A 592 -3.21 -25.11 9.83
N SER A 593 -3.32 -26.21 9.10
CA SER A 593 -3.92 -26.16 7.77
C SER A 593 -5.00 -27.22 7.63
N TYR A 594 -6.19 -26.79 7.21
CA TYR A 594 -7.31 -27.71 7.05
C TYR A 594 -8.30 -27.24 5.99
N THR A 595 -9.07 -28.18 5.44
CA THR A 595 -10.07 -27.83 4.43
C THR A 595 -11.49 -28.18 4.90
N ILE A 596 -12.42 -27.25 4.69
CA ILE A 596 -13.80 -27.44 5.08
C ILE A 596 -14.68 -27.49 3.86
N SER A 597 -15.29 -28.64 3.59
CA SER A 597 -16.18 -28.78 2.44
C SER A 597 -17.43 -27.93 2.65
N LYS A 598 -18.11 -27.62 1.54
CA LYS A 598 -19.34 -26.83 1.58
C LYS A 598 -20.41 -27.49 2.45
N GLN A 599 -20.46 -28.82 2.41
CA GLN A 599 -21.51 -29.57 3.11
C GLN A 599 -21.12 -30.02 4.51
N ALA A 600 -19.86 -29.78 4.90
CA ALA A 600 -19.36 -30.20 6.21
C ALA A 600 -20.25 -29.73 7.36
N GLU A 601 -20.17 -30.43 8.49
CA GLU A 601 -21.11 -30.22 9.58
C GLU A 601 -20.47 -29.65 10.85
N VAL A 602 -21.16 -28.68 11.46
CA VAL A 602 -20.74 -28.10 12.72
C VAL A 602 -21.32 -28.89 13.90
N SER A 603 -20.45 -29.30 14.81
CA SER A 603 -20.87 -29.99 16.02
C SER A 603 -20.46 -29.19 17.26
N SER A 604 -20.99 -29.58 18.41
CA SER A 604 -20.69 -28.87 19.65
C SER A 604 -19.51 -29.52 20.37
N ILE A 605 -19.01 -28.85 21.41
CA ILE A 605 -18.08 -29.48 22.33
C ILE A 605 -18.88 -30.00 23.50
N PRO A 606 -18.98 -31.33 23.65
CA PRO A 606 -19.71 -31.98 24.75
C PRO A 606 -19.24 -31.48 26.12
N GLU A 607 -20.17 -31.43 27.07
CA GLU A 607 -19.90 -30.83 28.38
C GLU A 607 -18.70 -31.41 29.10
N HIS A 608 -18.46 -32.71 28.91
CA HIS A 608 -17.38 -33.39 29.62
C HIS A 608 -16.02 -33.16 28.96
N LEU A 609 -16.05 -32.55 27.77
CA LEU A 609 -14.82 -32.29 27.01
C LEU A 609 -14.46 -30.80 27.05
N THR A 610 -15.27 -30.04 27.78
CA THR A 610 -15.10 -28.59 27.88
C THR A 610 -13.67 -28.18 28.23
N ASN A 611 -13.09 -28.85 29.21
CA ASN A 611 -11.74 -28.52 29.63
C ASN A 611 -10.74 -29.63 29.31
N CYS A 612 -11.00 -30.33 28.21
CA CYS A 612 -10.17 -31.45 27.80
C CYS A 612 -8.93 -31.02 27.01
N VAL A 613 -7.75 -31.34 27.55
CA VAL A 613 -6.51 -31.20 26.79
C VAL A 613 -5.69 -32.48 26.94
N ARG A 614 -5.40 -33.13 25.81
CA ARG A 614 -4.62 -34.36 25.82
C ARG A 614 -3.19 -34.09 25.36
N PRO A 615 -2.19 -34.69 26.02
CA PRO A 615 -0.80 -34.60 25.57
C PRO A 615 -0.61 -35.27 24.20
N ASP A 616 0.51 -35.00 23.55
CA ASP A 616 0.76 -35.55 22.22
C ASP A 616 1.98 -36.45 22.22
N VAL A 617 1.73 -37.76 22.19
CA VAL A 617 2.79 -38.78 22.20
C VAL A 617 3.85 -38.59 21.11
N ARG A 618 3.53 -37.81 20.08
CA ARG A 618 4.47 -37.55 18.99
C ARG A 618 5.52 -36.53 19.40
N VAL A 619 5.17 -35.67 20.35
CA VAL A 619 6.04 -34.55 20.72
C VAL A 619 6.48 -34.70 22.16
N SER A 620 7.78 -34.48 22.38
CA SER A 620 8.38 -34.56 23.71
C SER A 620 7.66 -33.71 24.73
N PRO A 621 7.62 -34.18 25.99
CA PRO A 621 7.04 -33.41 27.09
C PRO A 621 7.77 -32.08 27.28
N GLY A 622 9.08 -32.09 27.00
CA GLY A 622 9.87 -30.89 27.12
C GLY A 622 9.52 -29.83 26.09
N PHE A 623 9.00 -30.26 24.94
CA PHE A 623 8.63 -29.36 23.86
C PHE A 623 7.13 -29.15 23.80
N SER A 624 6.49 -29.19 24.96
CA SER A 624 5.04 -29.04 25.04
C SER A 624 4.66 -27.92 26.00
N GLN A 625 3.45 -27.39 25.85
CA GLN A 625 2.88 -26.48 26.83
C GLN A 625 2.36 -27.29 27.99
N ASN A 626 1.98 -26.62 29.08
CA ASN A 626 1.34 -27.31 30.19
C ASN A 626 0.10 -26.54 30.67
N CYS A 627 -0.93 -27.28 31.08
CA CYS A 627 -2.18 -26.67 31.47
C CYS A 627 -2.12 -25.98 32.83
N LEU A 628 -1.04 -26.22 33.57
CA LEU A 628 -0.89 -25.63 34.89
C LEU A 628 -0.66 -24.12 34.80
N ALA A 629 0.17 -23.71 33.86
CA ALA A 629 0.42 -22.29 33.61
C ALA A 629 -0.91 -21.57 33.35
N TYR A 630 -1.77 -22.21 32.56
CA TYR A 630 -3.07 -21.65 32.27
C TYR A 630 -3.98 -21.59 33.50
N LYS A 631 -3.86 -22.59 34.37
CA LYS A 631 -4.61 -22.58 35.63
C LYS A 631 -4.11 -21.45 36.53
N ASN A 632 -2.80 -21.25 36.53
CA ASN A 632 -2.22 -20.20 37.38
C ASN A 632 -2.43 -18.78 36.84
N ASP A 633 -2.29 -18.61 35.54
CA ASP A 633 -2.51 -17.31 34.92
C ASP A 633 -4.00 -16.97 34.94
N LYS A 634 -4.39 -16.09 35.85
CA LYS A 634 -5.80 -15.77 36.01
C LYS A 634 -6.34 -14.86 34.89
N GLN A 635 -5.45 -14.34 34.05
CA GLN A 635 -5.88 -13.48 32.95
C GLN A 635 -5.87 -14.19 31.59
N MET A 636 -4.87 -15.04 31.38
CA MET A 636 -4.72 -15.73 30.10
C MET A 636 -5.49 -17.05 30.09
N SER A 637 -6.29 -17.28 29.05
CA SER A 637 -6.92 -18.59 28.83
C SER A 637 -6.22 -19.26 27.65
N TYR A 638 -6.89 -20.20 27.00
CA TYR A 638 -6.27 -20.83 25.83
C TYR A 638 -7.29 -21.17 24.78
N GLY A 639 -6.80 -21.45 23.58
CA GLY A 639 -7.66 -21.78 22.46
C GLY A 639 -7.05 -22.77 21.50
N PHE A 640 -7.84 -23.23 20.53
CA PHE A 640 -7.35 -24.18 19.56
C PHE A 640 -7.36 -23.63 18.13
N LEU A 641 -6.28 -23.88 17.41
CA LEU A 641 -6.15 -23.44 16.02
C LEU A 641 -7.09 -24.19 15.07
N PHE A 642 -7.08 -25.52 15.14
CA PHE A 642 -8.14 -26.29 14.51
C PHE A 642 -9.33 -26.40 15.46
N PRO A 643 -10.51 -25.98 14.99
CA PRO A 643 -11.71 -25.91 15.82
C PRO A 643 -12.35 -27.29 16.03
N PRO A 644 -12.50 -27.70 17.30
CA PRO A 644 -13.21 -28.94 17.63
C PRO A 644 -14.62 -28.97 17.01
N TYR A 645 -15.21 -27.80 16.82
CA TYR A 645 -16.57 -27.71 16.28
C TYR A 645 -16.72 -28.28 14.87
N LEU A 646 -15.60 -28.48 14.17
CA LEU A 646 -15.65 -28.84 12.75
C LEU A 646 -14.97 -30.17 12.43
N SER A 647 -14.60 -30.92 13.45
CA SER A 647 -14.05 -32.25 13.24
C SER A 647 -15.10 -33.15 12.61
N SER A 648 -14.64 -34.14 11.86
CA SER A 648 -15.53 -35.07 11.15
C SER A 648 -16.27 -36.02 12.09
N SER A 649 -15.55 -36.63 13.02
CA SER A 649 -16.10 -37.65 13.91
C SER A 649 -15.57 -37.47 15.33
N PRO A 650 -16.29 -38.01 16.34
CA PRO A 650 -15.83 -37.88 17.73
C PRO A 650 -14.40 -38.35 17.92
N GLU A 651 -14.05 -39.50 17.33
CA GLU A 651 -12.66 -39.98 17.38
C GLU A 651 -11.69 -38.94 16.80
N ALA A 652 -12.21 -38.07 15.94
CA ALA A 652 -11.41 -37.00 15.37
C ALA A 652 -11.38 -35.79 16.30
N LYS A 653 -12.54 -35.46 16.90
CA LYS A 653 -12.61 -34.38 17.90
C LYS A 653 -11.44 -34.45 18.86
N TYR A 654 -11.15 -35.66 19.31
CA TYR A 654 -10.07 -35.88 20.27
C TYR A 654 -8.72 -35.42 19.75
N ASP A 655 -8.55 -35.41 18.43
CA ASP A 655 -7.32 -34.86 17.84
C ASP A 655 -7.21 -33.37 18.16
N ALA A 656 -8.34 -32.68 18.06
CA ALA A 656 -8.36 -31.23 18.22
C ALA A 656 -7.90 -30.79 19.61
N PHE A 657 -8.14 -31.63 20.61
CA PHE A 657 -7.85 -31.27 21.99
C PHE A 657 -6.40 -31.53 22.37
N LEU A 658 -5.60 -31.93 21.40
CA LEU A 658 -4.18 -32.15 21.64
C LEU A 658 -3.50 -30.87 22.15
N VAL A 659 -2.42 -31.05 22.90
CA VAL A 659 -1.70 -29.94 23.51
C VAL A 659 -0.91 -29.20 22.43
N THR A 660 -0.92 -29.75 21.24
CA THR A 660 -0.11 -29.25 20.14
C THR A 660 -0.99 -28.49 19.15
N ASN A 661 -2.27 -28.39 19.48
CA ASN A 661 -3.22 -27.61 18.71
C ASN A 661 -3.63 -26.39 19.54
N MET A 662 -3.10 -26.33 20.75
CA MET A 662 -3.50 -25.32 21.74
C MET A 662 -2.70 -24.02 21.61
N VAL A 663 -3.36 -22.87 21.78
CA VAL A 663 -2.66 -21.59 21.81
C VAL A 663 -3.18 -20.66 22.91
N PRO A 664 -2.30 -19.80 23.45
CA PRO A 664 -2.70 -18.89 24.51
C PRO A 664 -3.62 -17.77 24.00
N MET A 665 -4.75 -17.58 24.66
CA MET A 665 -5.72 -16.59 24.22
C MET A 665 -6.40 -15.91 25.39
N TYR A 666 -6.46 -14.59 25.32
CA TYR A 666 -7.22 -13.85 26.31
C TYR A 666 -8.69 -14.21 26.17
N PRO A 667 -9.43 -14.26 27.28
CA PRO A 667 -10.89 -14.44 27.19
C PRO A 667 -11.51 -13.43 26.21
N ALA A 668 -11.04 -12.20 26.23
CA ALA A 668 -11.54 -11.17 25.30
C ALA A 668 -11.40 -11.62 23.85
N PHE A 669 -10.21 -12.09 23.49
CA PHE A 669 -9.96 -12.56 22.13
C PHE A 669 -10.76 -13.81 21.83
N LYS A 670 -10.86 -14.70 22.82
CA LYS A 670 -11.57 -15.96 22.65
C LYS A 670 -13.01 -15.73 22.18
N ARG A 671 -13.62 -14.64 22.62
CA ARG A 671 -14.95 -14.29 22.15
C ARG A 671 -14.94 -14.16 20.64
N VAL A 672 -13.86 -13.58 20.13
CA VAL A 672 -13.71 -13.37 18.70
C VAL A 672 -13.38 -14.67 18.00
N TRP A 673 -12.40 -15.38 18.55
CA TRP A 673 -11.90 -16.59 17.90
C TRP A 673 -12.95 -17.69 17.82
N THR A 674 -13.65 -17.93 18.92
CA THR A 674 -14.64 -18.99 18.94
C THR A 674 -15.75 -18.73 17.93
N TYR A 675 -16.23 -17.50 17.88
CA TYR A 675 -17.23 -17.11 16.90
C TYR A 675 -16.74 -17.33 15.49
N PHE A 676 -15.47 -17.01 15.25
CA PHE A 676 -14.81 -17.26 13.97
C PHE A 676 -14.78 -18.73 13.63
N GLN A 677 -14.26 -19.53 14.57
CA GLN A 677 -14.14 -20.97 14.43
C GLN A 677 -15.50 -21.64 14.25
N ARG A 678 -16.47 -21.21 15.04
CA ARG A 678 -17.76 -21.91 15.14
C ARG A 678 -18.77 -21.50 14.09
N VAL A 679 -18.88 -20.20 13.84
CA VAL A 679 -19.88 -19.70 12.92
C VAL A 679 -19.32 -19.31 11.55
N LEU A 680 -18.21 -18.57 11.53
CA LEU A 680 -17.74 -17.93 10.30
C LEU A 680 -17.10 -18.84 9.26
N VAL A 681 -16.24 -19.76 9.71
CA VAL A 681 -15.57 -20.67 8.78
C VAL A 681 -16.60 -21.46 7.95
N LYS A 682 -17.65 -21.92 8.63
CA LYS A 682 -18.70 -22.66 7.95
C LYS A 682 -19.45 -21.76 6.98
N LYS A 683 -19.75 -20.54 7.43
CA LYS A 683 -20.41 -19.57 6.57
C LYS A 683 -19.55 -19.27 5.33
N TYR A 684 -18.24 -19.23 5.51
CA TYR A 684 -17.33 -19.04 4.37
C TYR A 684 -17.36 -20.28 3.47
N ALA A 685 -17.39 -21.46 4.08
CA ALA A 685 -17.41 -22.71 3.31
C ALA A 685 -18.67 -22.87 2.48
N SER A 686 -19.80 -22.40 3.03
CA SER A 686 -21.08 -22.50 2.36
C SER A 686 -21.17 -21.53 1.19
N GLU A 687 -20.67 -20.32 1.39
CA GLU A 687 -20.77 -19.26 0.39
C GLU A 687 -19.75 -19.42 -0.74
N ARG A 688 -18.64 -20.08 -0.46
CA ARG A 688 -17.55 -20.17 -1.44
C ARG A 688 -17.34 -21.58 -1.98
N ASN A 689 -18.26 -22.48 -1.65
CA ASN A 689 -18.20 -23.87 -2.10
C ASN A 689 -16.96 -24.55 -1.55
N GLY A 690 -16.83 -24.51 -0.23
CA GLY A 690 -15.66 -25.05 0.46
C GLY A 690 -14.59 -23.98 0.67
N VAL A 691 -13.84 -24.10 1.76
CA VAL A 691 -12.67 -23.26 1.99
C VAL A 691 -11.52 -24.07 2.57
N ASN A 692 -10.31 -23.73 2.13
CA ASN A 692 -9.11 -24.18 2.82
C ASN A 692 -8.63 -23.08 3.78
N VAL A 693 -8.32 -23.46 5.01
CA VAL A 693 -7.94 -22.50 6.02
C VAL A 693 -6.54 -22.77 6.52
N ILE A 694 -5.75 -21.71 6.70
CA ILE A 694 -4.49 -21.83 7.40
C ILE A 694 -4.45 -20.75 8.48
N SER A 695 -4.29 -21.15 9.73
CA SER A 695 -4.25 -20.19 10.84
C SER A 695 -2.99 -20.39 11.65
N GLY A 696 -2.64 -19.41 12.46
CA GLY A 696 -1.43 -19.49 13.24
C GLY A 696 -1.20 -18.24 14.08
N PRO A 697 -0.13 -18.24 14.88
CA PRO A 697 0.26 -17.09 15.71
C PRO A 697 1.19 -16.15 14.97
N ILE A 698 1.23 -14.90 15.44
CA ILE A 698 2.18 -13.92 14.94
C ILE A 698 2.79 -13.21 16.13
N PHE A 699 4.11 -13.09 16.13
CA PHE A 699 4.82 -12.35 17.17
C PHE A 699 5.43 -11.06 16.61
N ASP A 700 4.86 -9.92 16.97
CA ASP A 700 5.45 -8.67 16.51
C ASP A 700 5.44 -7.60 17.61
N TYR A 701 6.20 -7.86 18.66
CA TYR A 701 6.22 -6.98 19.83
C TYR A 701 6.85 -5.62 19.57
N ASN A 702 7.76 -5.54 18.61
CA ASN A 702 8.36 -4.26 18.26
C ASN A 702 7.68 -3.59 17.05
N TYR A 703 6.51 -4.08 16.67
CA TYR A 703 5.65 -3.47 15.66
C TYR A 703 6.34 -3.00 14.37
N ASN A 704 7.31 -3.78 13.89
CA ASN A 704 8.00 -3.46 12.64
C ASN A 704 7.41 -4.23 11.46
N GLY A 705 6.37 -5.01 11.72
CA GLY A 705 5.73 -5.79 10.68
C GLY A 705 6.53 -7.02 10.26
N LEU A 706 7.56 -7.34 11.02
CA LEU A 706 8.39 -8.50 10.71
C LEU A 706 8.39 -9.52 11.84
N ARG A 707 8.46 -10.80 11.48
CA ARG A 707 8.63 -11.90 12.42
C ARG A 707 9.60 -11.54 13.54
N ASP A 708 9.16 -11.64 14.79
CA ASP A 708 10.08 -11.42 15.90
C ASP A 708 11.08 -12.59 16.05
N ILE A 709 12.29 -12.28 16.52
CA ILE A 709 13.21 -13.32 16.98
C ILE A 709 12.88 -13.56 18.45
N GLU A 710 13.36 -14.66 19.03
CA GLU A 710 13.00 -15.01 20.42
C GLU A 710 13.24 -13.87 21.41
N ASP A 711 14.36 -13.19 21.19
CA ASP A 711 14.79 -12.07 22.03
C ASP A 711 13.77 -10.93 22.07
N GLU A 712 12.97 -10.80 21.02
CA GLU A 712 12.04 -9.69 20.92
C GLU A 712 10.67 -9.96 21.55
N ILE A 713 10.38 -11.22 21.81
CA ILE A 713 9.11 -11.61 22.43
C ILE A 713 9.13 -11.15 23.88
N LYS A 714 8.01 -10.59 24.36
CA LYS A 714 8.03 -9.86 25.62
C LYS A 714 7.04 -10.37 26.64
N GLN A 715 6.16 -11.28 26.24
CA GLN A 715 5.12 -11.76 27.14
C GLN A 715 4.94 -13.27 27.07
N TYR A 716 4.88 -13.92 28.25
CA TYR A 716 4.76 -15.36 28.35
C TYR A 716 3.58 -15.72 29.28
N VAL A 717 2.97 -16.88 29.08
CA VAL A 717 1.93 -17.31 30.02
C VAL A 717 2.54 -17.39 31.42
N GLU A 718 1.79 -16.94 32.42
CA GLU A 718 2.30 -16.81 33.79
C GLU A 718 3.08 -18.03 34.27
N GLY A 719 4.32 -17.79 34.69
CA GLY A 719 5.15 -18.83 35.27
C GLY A 719 5.67 -19.88 34.29
N SER A 720 5.51 -19.62 32.99
CA SER A 720 5.95 -20.56 31.97
C SER A 720 6.91 -19.91 31.00
N SER A 721 7.17 -20.61 29.89
CA SER A 721 7.91 -20.03 28.79
C SER A 721 7.13 -20.21 27.49
N ILE A 722 5.82 -20.35 27.62
CA ILE A 722 4.91 -20.32 26.48
C ILE A 722 4.70 -18.87 26.04
N PRO A 723 5.25 -18.48 24.88
CA PRO A 723 5.17 -17.10 24.42
C PRO A 723 3.76 -16.72 23.96
N VAL A 724 3.40 -15.46 24.18
CA VAL A 724 2.06 -14.98 23.87
C VAL A 724 2.08 -14.21 22.55
N PRO A 725 1.36 -14.71 21.53
CA PRO A 725 1.26 -14.07 20.21
C PRO A 725 0.67 -12.68 20.32
N THR A 726 1.15 -11.75 19.50
CA THR A 726 0.59 -10.40 19.44
C THR A 726 -0.64 -10.40 18.53
N HIS A 727 -0.66 -11.34 17.60
CA HIS A 727 -1.77 -11.45 16.67
C HIS A 727 -2.01 -12.90 16.30
N TYR A 728 -3.19 -13.19 15.74
CA TYR A 728 -3.41 -14.47 15.11
C TYR A 728 -3.91 -14.23 13.71
N TYR A 729 -3.35 -14.96 12.75
CA TYR A 729 -3.77 -14.81 11.37
C TYR A 729 -4.62 -15.97 10.91
N SER A 730 -5.42 -15.75 9.88
CA SER A 730 -6.04 -16.84 9.16
C SER A 730 -6.06 -16.50 7.67
N ILE A 731 -5.71 -17.48 6.84
CA ILE A 731 -5.71 -17.32 5.38
C ILE A 731 -6.73 -18.27 4.77
N ILE A 732 -7.78 -17.72 4.20
CA ILE A 732 -8.89 -18.52 3.71
C ILE A 732 -8.89 -18.53 2.17
N THR A 733 -8.65 -19.70 1.59
CA THR A 733 -8.51 -19.84 0.14
C THR A 733 -9.60 -20.73 -0.44
N SER A 734 -10.05 -20.40 -1.64
CA SER A 734 -10.96 -21.26 -2.37
C SER A 734 -10.77 -21.11 -3.88
N CYS A 735 -11.71 -21.63 -4.65
CA CYS A 735 -11.57 -21.60 -6.10
C CYS A 735 -12.26 -20.35 -6.60
N LEU A 736 -11.59 -19.63 -7.50
CA LEU A 736 -12.16 -18.41 -8.06
C LEU A 736 -13.44 -18.76 -8.81
N ASP A 737 -13.40 -19.87 -9.55
CA ASP A 737 -14.60 -20.44 -10.14
C ASP A 737 -15.35 -21.13 -9.00
N PHE A 738 -16.35 -20.45 -8.44
CA PHE A 738 -17.04 -20.97 -7.27
C PHE A 738 -17.88 -22.22 -7.53
N THR A 739 -18.05 -22.59 -8.80
CA THR A 739 -18.80 -23.80 -9.14
C THR A 739 -18.00 -25.07 -8.84
N GLN A 740 -16.70 -24.91 -8.61
CA GLN A 740 -15.84 -26.03 -8.25
C GLN A 740 -15.47 -25.95 -6.78
N PRO A 741 -15.47 -27.08 -6.08
CA PRO A 741 -15.14 -27.05 -4.66
C PRO A 741 -13.69 -26.68 -4.45
N ALA A 742 -13.35 -26.21 -3.25
CA ALA A 742 -12.01 -25.77 -2.92
C ALA A 742 -10.96 -26.83 -3.22
N ASP A 743 -11.28 -28.08 -2.89
CA ASP A 743 -10.33 -29.19 -3.00
C ASP A 743 -10.12 -29.72 -4.42
N LYS A 744 -11.00 -29.34 -5.33
CA LYS A 744 -10.91 -29.80 -6.72
C LYS A 744 -10.86 -28.63 -7.69
N CYS A 745 -10.14 -27.57 -7.34
CA CYS A 745 -10.09 -26.39 -8.19
C CYS A 745 -9.11 -26.57 -9.33
N ASP A 746 -9.56 -26.28 -10.55
CA ASP A 746 -8.72 -26.37 -11.73
C ASP A 746 -7.85 -25.12 -11.94
N GLY A 747 -8.46 -23.95 -11.82
CA GLY A 747 -7.81 -22.71 -12.21
C GLY A 747 -7.38 -21.77 -11.09
N PRO A 748 -7.61 -20.46 -11.27
CA PRO A 748 -7.18 -19.40 -10.36
C PRO A 748 -7.82 -19.51 -8.99
N LEU A 749 -7.09 -19.08 -7.97
CA LEU A 749 -7.57 -19.12 -6.59
C LEU A 749 -8.24 -17.82 -6.14
N SER A 750 -8.97 -17.92 -5.04
CA SER A 750 -9.60 -16.75 -4.44
C SER A 750 -9.22 -16.76 -2.97
N VAL A 751 -8.75 -15.62 -2.48
CA VAL A 751 -8.23 -15.57 -1.11
C VAL A 751 -8.74 -14.36 -0.35
N SER A 752 -8.95 -14.55 0.95
CA SER A 752 -9.10 -13.45 1.88
C SER A 752 -8.37 -13.85 3.16
N SER A 753 -7.79 -12.87 3.86
CA SER A 753 -7.01 -13.15 5.07
C SER A 753 -7.28 -12.09 6.12
N PHE A 754 -6.84 -12.35 7.35
CA PHE A 754 -7.01 -11.43 8.47
C PHE A 754 -5.80 -11.57 9.38
N ILE A 755 -5.42 -10.49 10.05
CA ILE A 755 -4.45 -10.52 11.13
C ILE A 755 -5.10 -9.87 12.36
N LEU A 756 -5.65 -10.68 13.25
CA LEU A 756 -6.44 -10.17 14.37
C LEU A 756 -5.54 -9.84 15.56
N PRO A 757 -5.71 -8.65 16.14
CA PRO A 757 -4.91 -8.25 17.31
C PRO A 757 -5.27 -9.11 18.51
N HIS A 758 -4.27 -9.68 19.15
CA HIS A 758 -4.52 -10.45 20.36
C HIS A 758 -4.49 -9.52 21.55
N ARG A 759 -5.65 -9.05 22.00
CA ARG A 759 -5.73 -8.04 23.05
C ARG A 759 -6.52 -8.51 24.26
N PRO A 760 -6.18 -8.01 25.46
CA PRO A 760 -6.83 -8.42 26.72
C PRO A 760 -8.23 -7.83 26.92
N ASP A 761 -8.63 -6.86 26.10
CA ASP A 761 -10.00 -6.38 26.16
C ASP A 761 -10.53 -6.15 24.75
N ASN A 762 -11.83 -5.85 24.65
CA ASN A 762 -12.45 -5.51 23.36
C ASN A 762 -12.78 -4.02 23.23
N ASP A 763 -11.92 -3.18 23.79
CA ASP A 763 -12.16 -1.73 23.78
C ASP A 763 -12.31 -1.16 22.38
N GLU A 764 -11.64 -1.77 21.41
CA GLU A 764 -11.69 -1.33 20.02
C GLU A 764 -13.11 -1.47 19.47
N SER A 765 -13.85 -2.45 19.97
CA SER A 765 -15.22 -2.71 19.51
C SER A 765 -16.25 -2.10 20.45
N CYS A 766 -16.83 -0.97 20.05
CA CYS A 766 -17.75 -0.23 20.93
C CYS A 766 -19.03 -1.00 21.26
N ASN A 767 -19.37 -1.99 20.44
CA ASN A 767 -20.57 -2.78 20.66
C ASN A 767 -20.26 -4.20 21.17
N SER A 768 -19.13 -4.36 21.85
CA SER A 768 -18.69 -5.70 22.27
C SER A 768 -19.54 -6.29 23.38
N SER A 769 -20.34 -5.46 24.04
CA SER A 769 -21.14 -5.93 25.16
C SER A 769 -22.30 -6.75 24.63
N GLU A 770 -22.61 -6.55 23.35
CA GLU A 770 -23.69 -7.27 22.70
C GLU A 770 -23.23 -8.61 22.15
N ASP A 771 -24.15 -9.34 21.54
CA ASP A 771 -23.84 -10.66 20.98
C ASP A 771 -22.75 -10.56 19.92
N GLU A 772 -21.89 -11.57 19.85
CA GLU A 772 -20.77 -11.56 18.91
C GLU A 772 -21.22 -11.39 17.47
N SER A 773 -22.47 -11.77 17.19
CA SER A 773 -23.04 -11.58 15.86
C SER A 773 -23.23 -10.08 15.55
N LYS A 774 -23.06 -9.25 16.57
CA LYS A 774 -23.27 -7.81 16.41
C LYS A 774 -21.99 -7.01 16.22
N TRP A 775 -20.83 -7.64 16.37
CA TRP A 775 -19.58 -6.86 16.34
C TRP A 775 -18.32 -7.57 15.83
N VAL A 776 -18.28 -8.90 15.90
CA VAL A 776 -17.05 -9.62 15.57
C VAL A 776 -16.63 -9.46 14.10
N GLU A 777 -17.56 -9.64 13.18
CA GLU A 777 -17.24 -9.47 11.77
C GLU A 777 -16.79 -8.04 11.43
N GLU A 778 -17.39 -7.04 12.09
CA GLU A 778 -17.01 -5.65 11.88
C GLU A 778 -15.54 -5.46 12.23
N LEU A 779 -15.14 -6.08 13.34
CA LEU A 779 -13.76 -6.03 13.80
C LEU A 779 -12.83 -6.70 12.80
N MET A 780 -13.22 -7.90 12.35
CA MET A 780 -12.40 -8.65 11.40
C MET A 780 -12.20 -7.95 10.07
N LYS A 781 -13.23 -7.27 9.57
CA LYS A 781 -13.11 -6.52 8.33
C LYS A 781 -12.04 -5.44 8.41
N MET A 782 -11.94 -4.80 9.57
CA MET A 782 -10.97 -3.72 9.77
C MET A 782 -9.56 -4.28 9.76
N HIS A 783 -9.43 -5.54 10.12
CA HIS A 783 -8.11 -6.14 10.21
C HIS A 783 -7.84 -7.14 9.09
N THR A 784 -8.54 -6.96 7.98
CA THR A 784 -8.25 -7.68 6.75
C THR A 784 -6.78 -7.51 6.41
N ALA A 785 -6.23 -8.44 5.64
CA ALA A 785 -4.79 -8.43 5.38
C ALA A 785 -4.40 -9.13 4.08
N ARG A 786 -3.19 -8.85 3.61
CA ARG A 786 -2.65 -9.58 2.47
C ARG A 786 -1.89 -10.79 3.00
N VAL A 787 -1.88 -11.86 2.21
CA VAL A 787 -1.07 -13.03 2.54
C VAL A 787 0.39 -12.59 2.68
N ARG A 788 0.79 -11.67 1.83
CA ARG A 788 2.13 -11.09 1.89
C ARG A 788 2.46 -10.47 3.26
N ASP A 789 1.46 -9.85 3.87
CA ASP A 789 1.61 -9.23 5.20
C ASP A 789 1.96 -10.32 6.21
N ILE A 790 1.22 -11.40 6.11
CA ILE A 790 1.38 -12.55 6.99
C ILE A 790 2.73 -13.21 6.76
N GLU A 791 3.15 -13.27 5.51
CA GLU A 791 4.48 -13.81 5.20
C GLU A 791 5.58 -13.01 5.89
N HIS A 792 5.49 -11.69 5.85
CA HIS A 792 6.49 -10.84 6.52
C HIS A 792 6.52 -11.10 8.02
N LEU A 793 5.34 -11.30 8.59
CA LEU A 793 5.19 -11.42 10.03
C LEU A 793 5.50 -12.82 10.58
N THR A 794 5.56 -13.82 9.70
CA THR A 794 5.72 -15.22 10.14
C THR A 794 7.02 -15.85 9.66
N GLY A 795 7.58 -15.33 8.59
CA GLY A 795 8.73 -15.95 7.95
C GLY A 795 8.35 -17.20 7.19
N LEU A 796 7.06 -17.36 6.87
CA LEU A 796 6.59 -18.49 6.06
C LEU A 796 6.35 -18.07 4.62
N ASP A 797 6.43 -19.01 3.69
CA ASP A 797 6.17 -18.77 2.27
C ASP A 797 5.08 -19.70 1.74
N PHE A 798 3.97 -19.12 1.29
CA PHE A 798 2.77 -19.88 0.98
C PHE A 798 2.59 -20.19 -0.51
N TYR A 799 1.64 -21.08 -0.81
CA TYR A 799 1.28 -21.45 -2.19
C TYR A 799 2.47 -21.90 -3.05
N ARG A 800 3.36 -22.70 -2.50
CA ARG A 800 4.52 -23.14 -3.27
C ARG A 800 4.21 -24.25 -4.29
N LYS A 801 3.18 -25.05 -4.02
CA LYS A 801 2.76 -26.11 -4.96
C LYS A 801 1.36 -25.87 -5.53
N THR A 802 1.29 -25.29 -6.71
CA THR A 802 0.02 -25.05 -7.38
C THR A 802 0.18 -25.27 -8.87
N SER A 803 -0.93 -25.18 -9.60
CA SER A 803 -0.92 -25.27 -11.05
C SER A 803 -0.81 -23.90 -11.73
N ARG A 804 -0.54 -22.86 -10.94
CA ARG A 804 -0.51 -21.49 -11.46
C ARG A 804 0.93 -21.01 -11.64
N SER A 805 1.12 -19.98 -12.48
CA SER A 805 2.43 -19.35 -12.63
C SER A 805 2.81 -18.69 -11.32
N TYR A 806 4.11 -18.60 -11.05
CA TYR A 806 4.58 -17.99 -9.82
C TYR A 806 4.20 -16.51 -9.80
N SER A 807 4.22 -15.87 -10.97
CA SER A 807 3.80 -14.49 -11.12
C SER A 807 2.33 -14.31 -10.74
N GLU A 808 1.48 -15.25 -11.15
CA GLU A 808 0.08 -15.18 -10.80
C GLU A 808 -0.09 -15.37 -9.30
N ILE A 809 0.77 -16.18 -8.71
CA ILE A 809 0.69 -16.45 -7.28
C ILE A 809 1.07 -15.20 -6.48
N LEU A 810 2.10 -14.50 -6.94
CA LEU A 810 2.54 -13.25 -6.32
C LEU A 810 1.42 -12.21 -6.33
N THR A 811 0.67 -12.14 -7.43
CA THR A 811 -0.52 -11.30 -7.50
C THR A 811 -1.55 -11.69 -6.42
N LEU A 812 -1.76 -12.99 -6.24
CA LEU A 812 -2.69 -13.51 -5.26
C LEU A 812 -2.26 -13.10 -3.85
N LYS A 813 -0.98 -13.24 -3.56
CA LYS A 813 -0.48 -12.93 -2.22
C LYS A 813 -0.59 -11.43 -1.87
N THR A 814 -0.67 -10.57 -2.87
CA THR A 814 -0.74 -9.13 -2.58
C THR A 814 -2.19 -8.62 -2.54
N TYR A 815 -3.14 -9.49 -2.90
CA TYR A 815 -4.54 -9.12 -2.91
C TYR A 815 -5.04 -8.76 -1.52
N LEU A 816 -5.83 -7.69 -1.42
CA LEU A 816 -6.48 -7.33 -0.16
C LEU A 816 -8.00 -7.34 -0.33
N HIS A 817 -8.69 -8.15 0.46
CA HIS A 817 -10.16 -8.14 0.40
C HIS A 817 -10.60 -6.98 1.28
N THR A 818 -11.13 -5.93 0.66
CA THR A 818 -11.41 -4.69 1.38
C THR A 818 -12.80 -4.57 2.00
N TYR A 819 -13.77 -5.35 1.50
CA TYR A 819 -15.16 -5.26 1.97
C TYR A 819 -15.80 -3.88 1.75
N GLU A 820 -15.50 -3.24 0.63
CA GLU A 820 -16.02 -1.90 0.34
C GLU A 820 -17.00 -1.89 -0.83
C1 NAG B . 29.32 37.21 -9.99
C2 NAG B . 30.84 37.21 -9.80
C3 NAG B . 31.61 38.15 -10.73
C4 NAG B . 31.08 38.12 -12.16
C5 NAG B . 29.56 38.21 -12.16
C6 NAG B . 29.03 38.02 -13.58
C7 NAG B . 31.90 36.80 -7.61
C8 NAG B . 32.78 35.77 -8.24
N2 NAG B . 31.15 37.56 -8.42
O3 NAG B . 32.97 37.79 -10.71
O4 NAG B . 31.60 39.19 -12.91
O5 NAG B . 28.96 37.22 -11.35
O6 NAG B . 29.23 36.68 -13.97
O7 NAG B . 31.87 36.94 -6.39
C1 NAG B . 32.75 38.84 -13.70
C2 NAG B . 32.79 39.77 -14.93
C3 NAG B . 34.13 39.83 -15.65
C4 NAG B . 35.31 39.83 -14.68
C5 NAG B . 35.14 38.66 -13.72
C6 NAG B . 36.33 38.51 -12.78
C7 NAG B . 30.67 40.08 -16.02
C8 NAG B . 29.92 39.87 -17.31
N2 NAG B . 31.76 39.36 -15.86
O3 NAG B . 34.18 40.99 -16.45
O4 NAG B . 36.51 39.69 -15.41
O5 NAG B . 33.96 38.87 -12.96
O6 NAG B . 36.27 39.49 -11.78
O7 NAG B . 30.28 40.90 -15.19
C1 NAG C . 9.80 -2.58 3.62
C2 NAG C . 9.93 -3.54 4.80
C3 NAG C . 11.07 -3.05 5.69
C4 NAG C . 12.37 -2.78 4.91
C5 NAG C . 12.09 -2.02 3.62
C6 NAG C . 13.32 -1.94 2.71
C7 NAG C . 8.01 -4.77 5.66
C8 NAG C . 6.84 -4.77 6.61
N2 NAG C . 8.74 -3.65 5.60
O3 NAG C . 11.28 -3.99 6.71
O4 NAG C . 13.10 -1.92 5.73
O5 NAG C . 11.03 -2.61 2.90
O6 NAG C . 13.76 -3.23 2.34
O7 NAG C . 8.25 -5.78 4.99
C1 NAG C . 14.40 -2.43 6.06
C2 NAG C . 15.31 -1.23 6.35
C3 NAG C . 16.71 -1.67 6.79
C4 NAG C . 16.65 -2.81 7.81
C5 NAG C . 15.64 -3.88 7.40
C6 NAG C . 15.50 -4.93 8.49
C7 NAG C . 14.65 0.77 5.14
C8 NAG C . 14.98 1.74 4.03
N2 NAG C . 15.34 -0.37 5.18
O3 NAG C . 17.41 -0.56 7.33
O4 NAG C . 17.90 -3.45 7.93
O5 NAG C . 14.37 -3.31 7.15
O6 NAG C . 15.13 -4.31 9.70
O7 NAG C . 13.77 1.04 5.94
C1 BMA C . 18.67 -2.91 9.02
C2 BMA C . 19.52 -4.01 9.64
C3 BMA C . 20.47 -3.48 10.71
C4 BMA C . 21.19 -2.21 10.24
C5 BMA C . 20.19 -1.22 9.65
C6 BMA C . 20.89 0.04 9.14
O2 BMA C . 20.27 -4.63 8.62
O3 BMA C . 21.40 -4.47 11.08
O4 BMA C . 21.86 -1.66 11.37
O5 BMA C . 19.53 -1.88 8.59
O6 BMA C . 20.43 0.37 7.84
C1 MAN C . 20.83 1.72 7.49
C2 MAN C . 19.70 2.74 7.66
C3 MAN C . 18.59 2.53 6.62
C4 MAN C . 19.19 2.38 5.22
C5 MAN C . 20.34 1.38 5.22
C6 MAN C . 20.94 1.21 3.82
O2 MAN C . 20.20 4.05 7.55
O3 MAN C . 17.68 3.63 6.58
O4 MAN C . 18.21 1.96 4.31
O5 MAN C . 21.32 1.76 6.16
O6 MAN C . 21.56 2.39 3.35
C1 MAN C . 16.82 3.67 7.74
C2 MAN C . 15.42 4.15 7.35
C3 MAN C . 15.54 5.56 6.76
C4 MAN C . 16.23 6.47 7.77
C5 MAN C . 17.51 5.86 8.30
C6 MAN C . 18.07 6.70 9.45
O2 MAN C . 14.57 4.20 8.48
O3 MAN C . 14.25 6.09 6.49
O4 MAN C . 16.52 7.72 7.16
O5 MAN C . 17.31 4.53 8.75
O6 MAN C . 17.18 6.66 10.55
C1 MAN C . 13.73 3.03 8.55
C2 MAN C . 12.56 3.34 9.48
C3 MAN C . 13.08 3.53 10.89
C4 MAN C . 13.83 2.26 11.30
C5 MAN C . 14.95 1.99 10.29
C6 MAN C . 15.73 0.72 10.65
O2 MAN C . 11.65 2.26 9.49
O3 MAN C . 11.99 3.78 11.77
O4 MAN C . 14.39 2.42 12.58
O5 MAN C . 14.41 1.87 8.98
O6 MAN C . 16.92 0.67 9.88
C1 MAN C . 20.70 -5.53 11.75
C2 MAN C . 20.76 -5.35 13.27
C3 MAN C . 22.11 -5.80 13.85
C4 MAN C . 22.44 -7.19 13.31
C5 MAN C . 22.38 -7.19 11.79
C6 MAN C . 22.72 -8.55 11.20
O2 MAN C . 19.73 -6.11 13.89
O3 MAN C . 22.05 -5.83 15.26
O4 MAN C . 23.73 -7.59 13.75
O5 MAN C . 21.07 -6.84 11.39
O6 MAN C . 24.11 -8.67 11.08
C1 NAG D . -12.14 12.77 31.25
C2 NAG D . -11.20 13.92 31.63
C3 NAG D . -11.50 14.46 33.03
C4 NAG D . -12.98 14.76 33.22
C5 NAG D . -13.83 13.59 32.73
C6 NAG D . -15.32 13.95 32.69
C7 NAG D . -8.95 14.01 30.71
C8 NAG D . -7.52 13.58 30.86
N2 NAG D . -9.83 13.47 31.55
O3 NAG D . -10.76 15.63 33.26
O4 NAG D . -13.18 15.09 34.59
O5 NAG D . -13.47 13.21 31.41
O6 NAG D . -16.02 12.88 32.10
O7 NAG D . -9.25 14.84 29.85
C1 NAG D . -13.92 16.33 34.69
C2 NAG D . -14.92 16.23 35.86
C3 NAG D . -14.78 17.40 36.83
C4 NAG D . -13.33 17.69 37.17
C5 NAG D . -12.49 17.93 35.91
C6 NAG D . -11.09 17.31 36.04
C7 NAG D . -17.03 15.08 35.46
C8 NAG D . -18.31 15.06 34.68
N2 NAG D . -16.27 16.18 35.35
O3 NAG D . -15.48 17.11 38.01
O4 NAG D . -13.28 18.84 37.99
O5 NAG D . -13.13 17.52 34.72
O6 NAG D . -11.16 15.94 36.33
O7 NAG D . -16.73 14.12 36.16
ZN ZN E . -2.10 15.01 -2.98
ZN ZN F . -5.25 17.63 -0.91
CA CA G . 8.88 -7.72 14.80
NA NA H . -15.87 -2.78 23.84
K K I . -6.71 -19.03 33.20
S SO4 J . -2.56 17.79 0.65
O1 SO4 J . -3.67 18.00 1.55
O2 SO4 J . -1.96 16.45 0.79
O3 SO4 J . -3.05 17.87 -0.71
O4 SO4 J . -1.54 18.84 0.87
S SCN K . -1.75 -6.57 19.67
C SCN K . -0.23 -5.83 20.26
N SCN K . 0.79 -5.36 20.62
S SCN L . 3.48 18.08 13.14
C SCN L . 2.46 19.57 13.39
N SCN L . 1.80 20.52 13.56
S SCN M . -0.52 13.73 7.81
C SCN M . -0.88 15.47 7.91
N SCN M . -1.05 16.64 7.97
C1 EDO N . 7.02 -13.55 -2.03
O1 EDO N . 5.71 -13.93 -1.59
C2 EDO N . 7.95 -14.74 -1.95
O2 EDO N . 7.21 -15.91 -2.34
C1 EDO O . -1.20 0.53 -25.79
O1 EDO O . -0.31 0.36 -24.67
C2 EDO O . -0.60 0.00 -27.10
O2 EDO O . -0.36 -1.41 -27.08
C1 EDO P . -11.38 -22.22 19.96
O1 EDO P . -10.09 -22.13 20.56
C2 EDO P . -11.36 -23.35 18.95
O2 EDO P . -12.69 -23.52 18.43
C1 EDO Q . 8.15 -15.88 16.20
O1 EDO Q . 8.06 -14.67 15.44
C2 EDO Q . 7.97 -17.10 15.31
O2 EDO Q . 9.08 -17.17 14.41
C1 EDO R . -13.42 0.72 -17.07
O1 EDO R . -12.99 -0.59 -16.67
C2 EDO R . -14.87 0.70 -17.53
O2 EDO R . -14.97 -0.08 -18.73
C1 EDO S . 0.19 -9.96 23.22
O1 EDO S . 0.73 -8.80 23.85
C2 EDO S . -1.18 -10.23 23.85
O2 EDO S . -1.89 -8.99 23.92
C1 EDO T . -13.01 5.36 12.11
O1 EDO T . -14.44 5.14 12.13
C2 EDO T . -12.31 4.15 12.71
O2 EDO T . -12.15 3.14 11.69
C1 EDO U . 3.97 10.06 22.00
O1 EDO U . 4.43 9.35 20.85
C2 EDO U . 2.79 10.94 21.62
O2 EDO U . 1.58 10.17 21.56
C1 EDO V . 14.17 -6.01 -4.79
O1 EDO V . 15.53 -6.01 -4.34
C2 EDO V . 13.41 -4.95 -4.00
O2 EDO V . 12.69 -5.53 -2.89
C1 EDO W . 10.26 -18.97 22.61
O1 EDO W . 11.62 -18.93 23.06
C2 EDO W . 9.43 -19.74 23.63
O2 EDO W . 9.75 -19.28 24.95
C1 EDO X . -9.11 -12.56 -5.47
O1 EDO X . -8.62 -13.25 -4.31
C2 EDO X . -10.56 -12.97 -5.74
O2 EDO X . -11.27 -13.17 -4.50
C1 EDO Y . 13.46 -13.69 6.98
O1 EDO Y . 14.29 -13.83 8.14
C2 EDO Y . 12.16 -14.46 7.19
O2 EDO Y . 11.66 -14.18 8.50
C1 EDO Z . -19.25 13.65 24.96
O1 EDO Z . -18.69 14.19 23.76
C2 EDO Z . -18.16 13.03 25.81
O2 EDO Z . -18.73 12.50 27.02
C1 EDO AA . -9.91 -8.73 20.04
O1 EDO AA . -8.80 -8.15 19.34
C2 EDO AA . -9.60 -8.84 21.53
O2 EDO AA . -8.34 -9.50 21.72
C1 EDO BA . -13.33 -2.12 14.14
O1 EDO BA . -13.71 -0.75 13.95
C2 EDO BA . -13.81 -2.59 15.50
O2 EDO BA . -15.18 -2.20 15.67
C1 EDO CA . 13.92 8.45 11.45
O1 EDO CA . 14.62 7.22 11.25
C2 EDO CA . 12.58 8.34 10.74
O2 EDO CA . 12.80 7.99 9.37
CBB DWW DA . 2.54 22.50 -1.58
CAV DWW DA . 2.95 21.21 -1.65
NAS DWW DA . 3.66 20.70 -2.78
CAT DWW DA . 4.13 19.16 -2.67
CAU DWW DA . 3.91 18.71 -3.34
CAR DWW DA . 4.15 21.37 -4.17
CAQ DWW DA . 4.08 20.90 -4.86
NAP DWW DA . 4.46 19.35 -4.71
CAJ DWW DA . 5.16 18.86 -5.88
SAI DWW DA . 5.62 17.25 -6.16
NAK DWW DA . 5.56 19.60 -6.95
CAL DWW DA . 6.20 18.87 -7.94
OAO DWW DA . 6.68 19.41 -9.11
CAH DWW DA . 6.32 17.51 -7.67
CAG DWW DA . 6.99 16.57 -8.62
CAF DWW DA . 6.99 15.11 -8.33
CAA DWW DA . 6.55 14.29 -9.35
CAB DWW DA . 6.53 12.91 -9.18
CLN DWW DA . 5.96 11.92 -10.49
CAC DWW DA . 6.97 12.35 -7.99
CLM DWW DA . 6.93 10.62 -7.80
CAD DWW DA . 7.42 13.17 -6.96
CAE DWW DA . 7.44 14.56 -7.13
#